data_6PO8
#
_entry.id   6PO8
#
_cell.length_a   52.141
_cell.length_b   121.646
_cell.length_c   164.858
_cell.angle_alpha   90.00
_cell.angle_beta   90.00
_cell.angle_gamma   90.00
#
_symmetry.space_group_name_H-M   'P 21 21 21'
#
loop_
_entity.id
_entity.type
_entity.pdbx_description
1 polymer 'Nitric oxide synthase, brain'
2 non-polymer 'PROTOPORPHYRIN IX CONTAINING FE'
3 non-polymer 5,6,7,8-TETRAHYDROBIOPTERIN
4 non-polymer 4-{[2-(aminomethyl)-4-(2-amino-4-methylquinolin-7-yl)phenoxy]methyl}benzonitrile
5 non-polymer 'ZINC ION'
6 water water
#
_entity_poly.entity_id   1
_entity_poly.type   'polypeptide(L)'
_entity_poly.pdbx_seq_one_letter_code
;CPRFLKVKNWETEVVLTDTLHLKSTLETGCTEYICMGSIMHPSQHARRPEDVATKDQLFPLAKEFIDQYYSSIKRFGSKA
HMERLEEVNKEIDTTSTYQLKDTELIYGAKHAWRNASRCVGRIQWSKLQVFDARDCTTAHGMFNYICNHVKYATNKGNLR
SAITIFPQRTDGKHDFRVWNSQLIRYAGYKQPDGSTLGDPANVQFTEICIQQGWKPPRGRFDVLPLLLQANGNDPELFQI
PPELVLEVPIRHPKFEWFKDLGLKWYGLPAVSNMLLEIGGLEFSACPFSGWYMGTEIGVRDYCDNSRYNILEEVAKKMNL
DMRKTSSLWKDQALVEINIAVLYSFQSDKVTIVDHHSATESFIKHMENEYRCRGGCPADWVWIVPPMSGSITPVFHQEML
NYRLTPSFEYQPDPWNTHVWK
;
_entity_poly.pdbx_strand_id   A,B
#
loop_
_chem_comp.id
_chem_comp.type
_chem_comp.name
_chem_comp.formula
H4B non-polymer 5,6,7,8-TETRAHYDROBIOPTERIN 'C9 H15 N5 O3'
HEM non-polymer 'PROTOPORPHYRIN IX CONTAINING FE' 'C34 H32 Fe N4 O4'
OUM non-polymer 4-{[2-(aminomethyl)-4-(2-amino-4-methylquinolin-7-yl)phenoxy]methyl}benzonitrile 'C25 H22 N4 O'
ZN non-polymer 'ZINC ION' 'Zn 2'
#
# COMPACT_ATOMS: atom_id res chain seq x y z
N CYS A 1 -12.43 -6.57 21.20
CA CYS A 1 -12.56 -6.75 19.76
C CYS A 1 -13.82 -7.56 19.42
N PRO A 2 -14.41 -7.30 18.26
CA PRO A 2 -15.59 -8.06 17.83
C PRO A 2 -15.19 -9.40 17.24
N ARG A 3 -16.15 -10.34 17.30
CA ARG A 3 -15.86 -11.73 16.96
C ARG A 3 -15.59 -11.89 15.47
N PHE A 4 -16.34 -11.21 14.62
CA PHE A 4 -16.24 -11.36 13.18
C PHE A 4 -15.81 -10.03 12.56
N LEU A 5 -14.81 -10.08 11.70
CA LEU A 5 -14.40 -8.93 10.91
C LEU A 5 -14.52 -9.31 9.45
N LYS A 6 -15.11 -8.43 8.65
CA LYS A 6 -15.33 -8.70 7.24
C LYS A 6 -14.33 -7.92 6.40
N VAL A 7 -13.92 -8.51 5.28
CA VAL A 7 -13.14 -7.81 4.27
C VAL A 7 -13.83 -8.00 2.94
N LYS A 8 -13.78 -6.97 2.10
CA LYS A 8 -14.40 -6.97 0.80
C LYS A 8 -13.34 -6.86 -0.28
N ASN A 9 -13.56 -7.55 -1.39
CA ASN A 9 -12.83 -7.32 -2.62
C ASN A 9 -13.65 -6.36 -3.48
N TRP A 10 -13.09 -5.19 -3.76
CA TRP A 10 -13.87 -4.16 -4.45
C TRP A 10 -13.98 -4.38 -5.95
N GLU A 11 -13.25 -5.35 -6.50
CA GLU A 11 -13.36 -5.66 -7.92
C GLU A 11 -14.33 -6.81 -8.19
N THR A 12 -14.43 -7.79 -7.28
CA THR A 12 -15.26 -8.95 -7.48
C THR A 12 -16.53 -8.95 -6.63
N GLU A 13 -16.60 -8.12 -5.61
CA GLU A 13 -17.66 -7.98 -4.61
C GLU A 13 -17.60 -9.08 -3.56
N VAL A 14 -16.65 -10.02 -3.64
CA VAL A 14 -16.57 -11.11 -2.67
C VAL A 14 -16.27 -10.56 -1.29
N VAL A 15 -17.09 -10.93 -0.31
CA VAL A 15 -16.87 -10.57 1.09
C VAL A 15 -16.45 -11.82 1.84
N LEU A 16 -15.38 -11.69 2.64
CA LEU A 16 -14.86 -12.78 3.48
C LEU A 16 -14.92 -12.37 4.94
N THR A 17 -15.08 -13.37 5.81
CA THR A 17 -15.27 -13.17 7.24
C THR A 17 -14.09 -13.73 8.00
N ASP A 18 -13.46 -12.90 8.83
CA ASP A 18 -12.26 -13.25 9.57
C ASP A 18 -12.61 -13.50 11.03
N THR A 19 -12.32 -14.70 11.53
CA THR A 19 -12.32 -14.97 12.95
C THR A 19 -10.95 -15.28 13.52
N LEU A 20 -9.97 -15.59 12.66
CA LEU A 20 -8.64 -15.94 13.13
C LEU A 20 -7.94 -14.80 13.87
N HIS A 21 -8.32 -13.55 13.62
CA HIS A 21 -7.70 -12.43 14.34
C HIS A 21 -7.85 -12.55 15.85
N LEU A 22 -8.85 -13.28 16.34
CA LEU A 22 -9.02 -13.48 17.78
C LEU A 22 -7.82 -14.18 18.41
N LYS A 23 -7.02 -14.90 17.63
CA LYS A 23 -5.82 -15.57 18.12
C LYS A 23 -4.57 -14.69 18.03
N SER A 24 -4.72 -13.41 17.70
CA SER A 24 -3.58 -12.53 17.57
C SER A 24 -2.80 -12.45 18.87
N THR A 25 -1.48 -12.40 18.77
CA THR A 25 -0.58 -12.55 19.90
C THR A 25 0.13 -11.28 20.30
N LEU A 26 0.57 -10.47 19.33
CA LEU A 26 1.44 -9.34 19.59
C LEU A 26 0.78 -8.05 19.14
N GLU A 27 1.40 -6.94 19.54
CA GLU A 27 1.00 -5.61 19.09
C GLU A 27 1.44 -5.41 17.65
N THR A 28 0.63 -4.65 16.90
CA THR A 28 0.94 -4.27 15.53
C THR A 28 1.70 -2.97 15.45
N GLY A 29 1.65 -2.15 16.51
CA GLY A 29 2.10 -0.79 16.49
C GLY A 29 0.97 0.21 16.32
N CYS A 30 -0.13 -0.20 15.71
CA CYS A 30 -1.29 0.65 15.55
C CYS A 30 -2.02 0.83 16.88
N THR A 31 -2.88 1.85 16.93
CA THR A 31 -3.84 2.04 18.01
C THR A 31 -5.17 2.44 17.40
N GLU A 32 -6.14 2.75 18.26
CA GLU A 32 -7.43 3.26 17.79
C GLU A 32 -7.31 4.62 17.14
N TYR A 33 -6.22 5.35 17.42
CA TYR A 33 -6.07 6.71 16.93
C TYR A 33 -4.91 6.91 15.97
N ILE A 34 -4.08 5.90 15.75
CA ILE A 34 -3.02 6.04 14.75
C ILE A 34 -2.81 4.70 14.06
N CYS A 35 -2.58 4.76 12.75
CA CYS A 35 -2.19 3.57 11.99
C CYS A 35 -0.74 3.70 11.55
N MET A 36 0.04 2.68 11.87
CA MET A 36 1.45 2.59 11.50
C MET A 36 1.69 1.53 10.44
N GLY A 37 0.67 1.27 9.61
CA GLY A 37 0.76 0.20 8.61
C GLY A 37 1.84 0.40 7.56
N SER A 38 2.39 1.61 7.40
CA SER A 38 3.46 1.83 6.44
C SER A 38 4.83 1.97 7.09
N ILE A 39 4.92 1.70 8.39
CA ILE A 39 6.19 1.70 9.10
C ILE A 39 6.90 0.37 8.86
N MET A 40 8.17 0.43 8.46
CA MET A 40 8.90 -0.80 8.13
C MET A 40 9.05 -1.70 9.35
N HIS A 41 9.49 -1.13 10.47
CA HIS A 41 9.70 -1.86 11.73
CA HIS A 41 9.69 -1.87 11.73
C HIS A 41 8.98 -1.15 12.86
N PRO A 42 7.68 -1.37 13.02
CA PRO A 42 6.99 -0.78 14.18
C PRO A 42 7.23 -1.61 15.43
N SER A 43 6.18 -2.27 15.92
CA SER A 43 6.27 -3.32 16.93
C SER A 43 7.19 -2.98 18.11
N ASP A 51 19.51 -11.35 27.04
CA ASP A 51 18.17 -11.04 27.51
C ASP A 51 17.13 -12.01 26.94
N VAL A 52 16.66 -12.95 27.75
CA VAL A 52 15.86 -14.08 27.29
C VAL A 52 14.63 -14.22 28.17
N ALA A 53 13.77 -15.16 27.79
CA ALA A 53 12.50 -15.37 28.47
C ALA A 53 12.70 -16.05 29.82
N THR A 54 11.92 -15.60 30.80
CA THR A 54 11.89 -16.23 32.12
C THR A 54 11.07 -17.52 32.08
N LYS A 55 11.24 -18.35 33.12
CA LYS A 55 10.43 -19.55 33.26
C LYS A 55 8.95 -19.20 33.21
N ASP A 56 8.54 -18.14 33.90
CA ASP A 56 7.13 -17.79 33.97
C ASP A 56 6.62 -17.25 32.65
N GLN A 57 7.48 -16.58 31.88
CA GLN A 57 7.09 -16.17 30.53
C GLN A 57 6.98 -17.36 29.60
N LEU A 58 7.83 -18.36 29.79
CA LEU A 58 7.94 -19.45 28.83
C LEU A 58 6.78 -20.44 28.95
N PHE A 59 6.35 -20.76 30.18
CA PHE A 59 5.29 -21.73 30.45
C PHE A 59 4.08 -21.51 29.55
N PRO A 60 3.39 -20.36 29.61
CA PRO A 60 2.17 -20.24 28.79
C PRO A 60 2.45 -20.19 27.30
N LEU A 61 3.61 -19.66 26.87
CA LEU A 61 3.93 -19.62 25.45
C LEU A 61 4.09 -21.02 24.88
N ALA A 62 4.73 -21.91 25.64
CA ALA A 62 4.90 -23.29 25.18
C ALA A 62 3.56 -24.03 25.17
N LYS A 63 2.78 -23.89 26.23
CA LYS A 63 1.47 -24.53 26.27
C LYS A 63 0.60 -24.07 25.10
N GLU A 64 0.63 -22.77 24.80
CA GLU A 64 -0.11 -22.26 23.65
C GLU A 64 0.29 -22.97 22.38
N PHE A 65 1.59 -23.11 22.14
CA PHE A 65 2.07 -23.75 20.93
C PHE A 65 1.73 -25.24 20.92
N ILE A 66 2.02 -25.93 22.04
CA ILE A 66 1.76 -27.36 22.12
C ILE A 66 0.28 -27.64 21.87
N ASP A 67 -0.60 -26.82 22.47
CA ASP A 67 -2.04 -26.97 22.25
C ASP A 67 -2.37 -26.84 20.78
N GLN A 68 -1.87 -25.78 20.17
CA GLN A 68 -2.06 -25.56 18.73
C GLN A 68 -1.58 -26.77 17.94
N TYR A 69 -0.41 -27.30 18.27
CA TYR A 69 0.12 -28.45 17.54
C TYR A 69 -0.80 -29.65 17.67
N TYR A 70 -1.23 -29.99 18.89
CA TYR A 70 -2.05 -31.18 19.05
C TYR A 70 -3.44 -30.98 18.47
N SER A 71 -3.94 -29.75 18.46
CA SER A 71 -5.17 -29.49 17.74
C SER A 71 -5.00 -29.71 16.24
N SER A 72 -3.84 -29.35 15.69
CA SER A 72 -3.65 -29.47 14.24
C SER A 72 -3.63 -30.92 13.79
N ILE A 73 -3.14 -31.83 14.64
CA ILE A 73 -3.06 -33.24 14.30
C ILE A 73 -4.29 -33.97 14.84
N LYS A 74 -5.28 -33.23 15.30
CA LYS A 74 -6.57 -33.80 15.76
C LYS A 74 -6.35 -34.78 16.92
N ARG A 75 -5.51 -34.37 17.88
CA ARG A 75 -5.26 -35.14 19.09
C ARG A 75 -5.35 -34.24 20.33
N PHE A 76 -6.17 -33.20 20.25
CA PHE A 76 -6.26 -32.26 21.36
C PHE A 76 -6.94 -32.92 22.56
N GLY A 77 -6.33 -32.75 23.73
CA GLY A 77 -6.83 -33.40 24.93
C GLY A 77 -6.49 -34.86 25.05
N SER A 78 -5.74 -35.42 24.10
CA SER A 78 -5.37 -36.82 24.12
C SER A 78 -4.30 -37.08 25.19
N LYS A 79 -4.05 -38.36 25.44
CA LYS A 79 -3.04 -38.74 26.41
C LYS A 79 -1.66 -38.25 25.99
N ALA A 80 -1.31 -38.40 24.72
CA ALA A 80 -0.03 -37.90 24.23
C ALA A 80 0.08 -36.38 24.37
N HIS A 81 -1.05 -35.69 24.20
CA HIS A 81 -1.05 -34.24 24.39
C HIS A 81 -0.75 -33.87 25.83
N MET A 82 -1.48 -34.47 26.78
CA MET A 82 -1.27 -34.15 28.20
C MET A 82 0.12 -34.57 28.66
N GLU A 83 0.62 -35.69 28.13
CA GLU A 83 1.97 -36.11 28.47
C GLU A 83 3.01 -35.14 27.91
N ARG A 84 2.77 -34.65 26.69
CA ARG A 84 3.72 -33.69 26.12
C ARG A 84 3.75 -32.41 26.92
N LEU A 85 2.57 -31.88 27.27
CA LEU A 85 2.47 -30.72 28.16
C LEU A 85 3.32 -30.92 29.41
N GLU A 86 3.12 -32.04 30.10
CA GLU A 86 3.76 -32.28 31.38
C GLU A 86 5.27 -32.41 31.23
N GLU A 87 5.72 -33.08 30.16
CA GLU A 87 7.15 -33.19 29.87
C GLU A 87 7.76 -31.82 29.57
N VAL A 88 7.05 -30.97 28.82
CA VAL A 88 7.54 -29.62 28.55
C VAL A 88 7.63 -28.82 29.84
N ASN A 89 6.61 -28.93 30.69
CA ASN A 89 6.56 -28.18 31.94
C ASN A 89 7.69 -28.56 32.88
N LYS A 90 7.99 -29.86 33.01
CA LYS A 90 9.11 -30.29 33.84
C LYS A 90 10.43 -29.74 33.30
N GLU A 91 10.61 -29.82 31.98
CA GLU A 91 11.87 -29.36 31.37
C GLU A 91 12.08 -27.87 31.58
N ILE A 92 11.02 -27.07 31.48
CA ILE A 92 11.16 -25.65 31.77
C ILE A 92 11.51 -25.44 33.24
N ASP A 93 10.93 -26.27 34.13
CA ASP A 93 11.19 -26.13 35.56
C ASP A 93 12.65 -26.41 35.90
N THR A 94 13.23 -27.47 35.32
CA THR A 94 14.54 -27.94 35.71
C THR A 94 15.65 -27.43 34.80
N THR A 95 15.33 -26.78 33.69
CA THR A 95 16.35 -26.27 32.77
C THR A 95 16.13 -24.85 32.28
N SER A 96 14.97 -24.23 32.57
CA SER A 96 14.58 -22.90 32.12
C SER A 96 14.28 -22.83 30.64
N THR A 97 14.32 -23.97 29.95
CA THR A 97 14.04 -24.01 28.52
C THR A 97 13.48 -25.39 28.19
N TYR A 98 13.19 -25.62 26.91
CA TYR A 98 12.81 -26.96 26.47
C TYR A 98 13.23 -27.16 25.03
N GLN A 99 13.11 -28.40 24.58
CA GLN A 99 13.49 -28.80 23.24
C GLN A 99 12.24 -29.23 22.49
N LEU A 100 12.07 -28.74 21.27
CA LEU A 100 10.98 -29.18 20.42
C LEU A 100 11.26 -30.57 19.84
N LYS A 101 10.21 -31.38 19.74
CA LYS A 101 10.29 -32.59 18.93
C LYS A 101 10.48 -32.22 17.45
N ASP A 102 10.99 -33.19 16.69
CA ASP A 102 11.18 -32.96 15.25
C ASP A 102 9.86 -32.62 14.56
N THR A 103 8.79 -33.34 14.92
CA THR A 103 7.49 -33.03 14.33
C THR A 103 7.08 -31.59 14.62
N GLU A 104 7.34 -31.13 15.85
CA GLU A 104 6.90 -29.80 16.24
C GLU A 104 7.75 -28.74 15.59
N LEU A 105 9.04 -29.01 15.43
CA LEU A 105 9.92 -28.10 14.71
C LEU A 105 9.42 -27.89 13.29
N ILE A 106 9.06 -28.97 12.59
CA ILE A 106 8.60 -28.87 11.21
C ILE A 106 7.28 -28.11 11.15
N TYR A 107 6.34 -28.48 12.02
CA TYR A 107 5.06 -27.79 12.06
C TYR A 107 5.25 -26.30 12.32
N GLY A 108 6.10 -25.97 13.30
CA GLY A 108 6.28 -24.57 13.66
C GLY A 108 6.90 -23.73 12.55
N ALA A 109 7.89 -24.29 11.85
CA ALA A 109 8.53 -23.57 10.75
C ALA A 109 7.55 -23.34 9.60
N LYS A 110 6.75 -24.35 9.25
CA LYS A 110 5.76 -24.16 8.19
C LYS A 110 4.74 -23.11 8.58
N HIS A 111 4.37 -23.06 9.86
CA HIS A 111 3.36 -22.09 10.24
C HIS A 111 3.91 -20.68 10.40
N ALA A 112 5.21 -20.54 10.70
CA ALA A 112 5.78 -19.21 10.64
C ALA A 112 5.69 -18.65 9.23
N TRP A 113 5.93 -19.49 8.23
CA TRP A 113 5.71 -19.07 6.85
C TRP A 113 4.23 -18.79 6.60
N ARG A 114 3.35 -19.73 6.98
CA ARG A 114 1.91 -19.51 6.79
C ARG A 114 1.44 -18.20 7.40
N ASN A 115 2.08 -17.80 8.50
CA ASN A 115 1.68 -16.62 9.26
C ASN A 115 2.35 -15.33 8.81
N ALA A 116 3.25 -15.40 7.84
CA ALA A 116 4.06 -14.22 7.49
C ALA A 116 3.22 -13.27 6.64
N SER A 117 2.70 -12.21 7.29
CA SER A 117 1.72 -11.36 6.62
CA SER A 117 1.73 -11.32 6.64
C SER A 117 2.29 -10.63 5.40
N ARG A 118 3.60 -10.42 5.35
CA ARG A 118 4.18 -9.73 4.21
C ARG A 118 4.51 -10.61 3.02
N CYS A 119 4.20 -11.91 3.07
CA CYS A 119 4.64 -12.84 2.03
C CYS A 119 3.51 -13.17 1.06
N VAL A 120 3.71 -12.83 -0.22
CA VAL A 120 2.73 -13.12 -1.27
C VAL A 120 2.80 -14.56 -1.75
N GLY A 121 3.84 -15.29 -1.39
CA GLY A 121 4.05 -16.65 -1.87
C GLY A 121 3.51 -17.74 -0.99
N ARG A 122 2.67 -17.43 0.00
CA ARG A 122 2.29 -18.41 1.01
C ARG A 122 1.34 -19.51 0.52
N ILE A 123 0.87 -19.53 -0.72
CA ILE A 123 0.08 -20.67 -1.17
C ILE A 123 0.91 -21.95 -1.10
N GLN A 124 2.23 -21.81 -1.00
CA GLN A 124 3.22 -22.87 -0.98
C GLN A 124 3.60 -23.34 0.42
N TRP A 125 3.00 -22.75 1.46
CA TRP A 125 3.57 -22.84 2.80
C TRP A 125 3.74 -24.27 3.28
N SER A 126 2.87 -25.19 2.86
CA SER A 126 2.97 -26.55 3.36
C SER A 126 4.04 -27.37 2.66
N LYS A 127 4.56 -26.88 1.52
CA LYS A 127 5.64 -27.53 0.80
C LYS A 127 6.92 -26.78 1.16
N LEU A 128 7.44 -27.10 2.33
CA LEU A 128 8.67 -26.51 2.85
C LEU A 128 9.54 -27.66 3.36
N GLN A 129 10.73 -27.80 2.79
CA GLN A 129 11.69 -28.78 3.33
C GLN A 129 12.40 -28.17 4.53
N VAL A 130 12.33 -28.84 5.67
CA VAL A 130 12.89 -28.32 6.91
C VAL A 130 14.16 -29.11 7.23
N PHE A 131 15.31 -28.43 7.30
CA PHE A 131 16.55 -29.09 7.71
C PHE A 131 16.83 -28.77 9.17
N ASP A 132 16.82 -29.80 10.00
CA ASP A 132 17.09 -29.70 11.43
C ASP A 132 18.60 -29.65 11.65
N ALA A 133 19.12 -28.47 12.00
CA ALA A 133 20.54 -28.28 12.24
C ALA A 133 20.83 -27.97 13.71
N ARG A 134 19.98 -28.47 14.61
CA ARG A 134 20.12 -28.15 16.02
C ARG A 134 21.29 -28.90 16.68
N ASP A 135 21.91 -29.84 15.98
CA ASP A 135 23.12 -30.49 16.50
C ASP A 135 24.41 -29.74 16.13
N CYS A 136 24.30 -28.61 15.42
CA CYS A 136 25.49 -27.90 14.95
C CYS A 136 26.20 -27.19 16.11
N THR A 137 27.53 -27.20 16.08
CA THR A 137 28.31 -26.62 17.17
C THR A 137 29.37 -25.63 16.70
N THR A 138 29.74 -25.60 15.43
CA THR A 138 30.79 -24.70 14.97
C THR A 138 30.36 -24.00 13.69
N ALA A 139 31.11 -22.95 13.35
CA ALA A 139 30.85 -22.21 12.12
C ALA A 139 31.16 -23.05 10.88
N HIS A 140 32.16 -23.94 10.96
CA HIS A 140 32.39 -24.85 9.84
C HIS A 140 31.17 -25.74 9.60
N GLY A 141 30.53 -26.20 10.68
CA GLY A 141 29.34 -27.02 10.53
C GLY A 141 28.16 -26.22 10.02
N MET A 142 28.06 -24.96 10.44
CA MET A 142 27.05 -24.10 9.84
C MET A 142 27.27 -23.98 8.34
N PHE A 143 28.53 -23.81 7.93
CA PHE A 143 28.86 -23.74 6.51
C PHE A 143 28.43 -24.98 5.77
N ASN A 144 28.69 -26.16 6.35
CA ASN A 144 28.27 -27.42 5.73
C ASN A 144 26.75 -27.46 5.57
N TYR A 145 26.01 -27.12 6.62
CA TYR A 145 24.55 -27.13 6.55
C TYR A 145 24.02 -26.14 5.49
N ILE A 146 24.66 -24.98 5.36
CA ILE A 146 24.17 -23.96 4.44
C ILE A 146 24.45 -24.37 3.00
N CYS A 147 25.65 -24.91 2.73
CA CYS A 147 25.95 -25.43 1.40
C CYS A 147 24.94 -26.49 0.97
N ASN A 148 24.67 -27.46 1.85
CA ASN A 148 23.68 -28.49 1.55
C ASN A 148 22.30 -27.87 1.28
N HIS A 149 21.92 -26.88 2.10
CA HIS A 149 20.67 -26.17 1.85
C HIS A 149 20.68 -25.54 0.46
N VAL A 150 21.71 -24.76 0.15
CA VAL A 150 21.77 -24.10 -1.16
C VAL A 150 21.64 -25.13 -2.29
N LYS A 151 22.40 -26.23 -2.19
CA LYS A 151 22.36 -27.19 -3.28
C LYS A 151 20.99 -27.83 -3.43
N TYR A 152 20.36 -28.18 -2.30
CA TYR A 152 19.03 -28.80 -2.35
C TYR A 152 18.00 -27.84 -2.92
N ALA A 153 18.00 -26.59 -2.43
CA ALA A 153 16.98 -25.62 -2.82
C ALA A 153 17.14 -25.19 -4.27
N THR A 154 18.37 -25.12 -4.76
CA THR A 154 18.61 -24.74 -6.14
C THR A 154 18.15 -25.81 -7.12
N ASN A 155 18.53 -27.07 -6.87
CA ASN A 155 18.00 -28.20 -7.64
C ASN A 155 18.18 -27.98 -9.14
N LYS A 156 19.35 -27.50 -9.54
CA LYS A 156 19.67 -27.21 -10.94
C LYS A 156 18.66 -26.26 -11.61
N GLY A 157 18.04 -25.38 -10.83
CA GLY A 157 17.10 -24.42 -11.36
C GLY A 157 15.64 -24.73 -11.06
N ASN A 158 15.33 -25.98 -10.75
CA ASN A 158 13.96 -26.35 -10.33
C ASN A 158 13.84 -26.12 -8.83
N LEU A 159 13.76 -24.84 -8.46
CA LEU A 159 13.97 -24.47 -7.06
C LEU A 159 12.90 -25.07 -6.15
N ARG A 160 13.32 -25.40 -4.92
CA ARG A 160 12.48 -25.99 -3.88
C ARG A 160 12.65 -25.17 -2.61
N SER A 161 11.55 -24.83 -1.95
CA SER A 161 11.62 -24.04 -0.75
CA SER A 161 11.62 -24.04 -0.74
C SER A 161 12.19 -24.85 0.41
N ALA A 162 13.03 -24.21 1.22
CA ALA A 162 13.70 -24.89 2.32
C ALA A 162 14.05 -23.88 3.41
N ILE A 163 14.16 -24.39 4.64
CA ILE A 163 14.65 -23.64 5.78
C ILE A 163 15.62 -24.54 6.52
N THR A 164 16.72 -23.97 7.00
CA THR A 164 17.66 -24.71 7.83
C THR A 164 17.69 -24.03 9.19
N ILE A 165 17.47 -24.79 10.26
CA ILE A 165 17.25 -24.25 11.59
C ILE A 165 18.41 -24.66 12.50
N PHE A 166 19.17 -23.68 13.00
CA PHE A 166 20.29 -23.86 13.89
C PHE A 166 19.82 -23.79 15.34
N PRO A 167 20.70 -24.10 16.32
CA PRO A 167 20.24 -24.18 17.72
C PRO A 167 19.62 -22.88 18.24
N GLN A 168 18.62 -23.05 19.10
CA GLN A 168 17.87 -21.93 19.64
C GLN A 168 18.73 -21.14 20.63
N ARG A 169 18.27 -19.93 20.90
CA ARG A 169 18.90 -19.07 21.90
C ARG A 169 18.80 -19.71 23.28
N THR A 170 19.87 -19.55 24.07
CA THR A 170 19.86 -20.02 25.45
C THR A 170 19.90 -18.81 26.38
N ASP A 171 21.09 -18.30 26.67
CA ASP A 171 21.19 -17.14 27.54
C ASP A 171 21.41 -15.83 26.78
N GLY A 172 21.39 -15.87 25.45
CA GLY A 172 21.62 -14.69 24.66
C GLY A 172 23.08 -14.32 24.48
N LYS A 173 24.00 -15.07 25.10
CA LYS A 173 25.43 -14.90 24.90
C LYS A 173 26.03 -16.02 24.07
N HIS A 174 25.24 -17.00 23.65
CA HIS A 174 25.71 -18.11 22.82
C HIS A 174 24.92 -18.22 21.52
N ASP A 175 24.49 -17.09 20.98
CA ASP A 175 23.64 -17.10 19.79
C ASP A 175 24.35 -17.68 18.57
N PHE A 176 23.58 -18.41 17.77
CA PHE A 176 23.96 -18.74 16.40
C PHE A 176 23.39 -17.66 15.48
N ARG A 177 24.23 -17.09 14.62
CA ARG A 177 23.75 -16.07 13.69
C ARG A 177 24.42 -16.24 12.35
N VAL A 178 23.66 -16.03 11.28
CA VAL A 178 24.22 -15.78 9.96
C VAL A 178 24.30 -14.26 9.81
N TRP A 179 25.51 -13.71 9.72
CA TRP A 179 25.62 -12.25 9.66
C TRP A 179 25.13 -11.70 8.33
N ASN A 180 25.22 -12.49 7.26
CA ASN A 180 24.64 -12.12 5.96
C ASN A 180 23.15 -11.85 6.07
N SER A 181 22.64 -10.91 5.26
CA SER A 181 21.20 -10.70 5.19
C SER A 181 20.51 -11.72 4.28
N GLN A 182 21.17 -12.15 3.20
CA GLN A 182 20.77 -13.32 2.43
C GLN A 182 22.00 -14.20 2.24
N LEU A 183 21.79 -15.51 2.06
CA LEU A 183 22.93 -16.42 1.86
C LEU A 183 23.71 -16.03 0.61
N ILE A 184 23.02 -15.61 -0.44
CA ILE A 184 23.65 -15.18 -1.68
C ILE A 184 23.29 -13.72 -1.93
N ARG A 185 24.29 -12.85 -1.96
CA ARG A 185 24.10 -11.43 -2.32
C ARG A 185 25.40 -10.91 -2.92
N TYR A 186 25.30 -9.78 -3.63
CA TYR A 186 26.46 -9.22 -4.30
C TYR A 186 27.09 -8.10 -3.47
N ALA A 187 28.42 -8.07 -3.46
CA ALA A 187 29.16 -7.07 -2.69
C ALA A 187 28.90 -5.65 -3.23
N GLY A 188 29.03 -4.68 -2.34
CA GLY A 188 29.01 -3.27 -2.73
C GLY A 188 30.22 -2.53 -2.18
N TYR A 189 30.83 -1.71 -3.03
CA TYR A 189 32.07 -1.03 -2.70
C TYR A 189 31.91 0.48 -2.90
N LYS A 190 32.00 1.25 -1.81
CA LYS A 190 32.06 2.70 -1.91
C LYS A 190 33.44 3.13 -2.38
N GLN A 191 33.47 3.97 -3.41
CA GLN A 191 34.70 4.51 -3.98
C GLN A 191 35.06 5.86 -3.34
N PRO A 192 36.33 6.24 -3.37
CA PRO A 192 36.71 7.55 -2.83
C PRO A 192 35.96 8.72 -3.45
N ASP A 193 35.53 8.60 -4.71
CA ASP A 193 34.83 9.70 -5.36
C ASP A 193 33.32 9.72 -5.05
N GLY A 194 32.83 8.87 -4.15
CA GLY A 194 31.44 8.87 -3.76
C GLY A 194 30.55 7.90 -4.50
N SER A 195 30.98 7.40 -5.66
CA SER A 195 30.20 6.39 -6.38
C SER A 195 30.27 5.05 -5.68
N THR A 196 29.43 4.12 -6.13
CA THR A 196 29.35 2.76 -5.59
C THR A 196 29.50 1.76 -6.73
N LEU A 197 30.37 0.78 -6.53
CA LEU A 197 30.48 -0.37 -7.42
C LEU A 197 29.76 -1.56 -6.81
N GLY A 198 29.02 -2.29 -7.64
CA GLY A 198 28.23 -3.40 -7.11
C GLY A 198 26.92 -2.93 -6.50
N ASP A 199 26.45 -3.68 -5.49
CA ASP A 199 25.11 -3.47 -4.95
C ASP A 199 25.18 -2.51 -3.76
N PRO A 200 24.65 -1.28 -3.88
CA PRO A 200 24.77 -0.33 -2.76
C PRO A 200 24.15 -0.81 -1.49
N ALA A 201 23.15 -1.69 -1.57
CA ALA A 201 22.49 -2.19 -0.36
C ALA A 201 23.43 -2.96 0.55
N ASN A 202 24.55 -3.44 0.02
CA ASN A 202 25.41 -4.33 0.78
C ASN A 202 26.77 -3.69 1.12
N VAL A 203 26.86 -2.35 1.09
CA VAL A 203 28.15 -1.71 1.32
C VAL A 203 28.63 -1.94 2.75
N GLN A 204 27.72 -1.82 3.72
CA GLN A 204 28.13 -1.96 5.13
C GLN A 204 28.63 -3.37 5.39
N PHE A 205 27.84 -4.36 4.98
CA PHE A 205 28.24 -5.74 5.24
C PHE A 205 29.52 -6.09 4.49
N THR A 206 29.65 -5.61 3.26
CA THR A 206 30.90 -5.81 2.52
C THR A 206 32.09 -5.28 3.29
N GLU A 207 31.96 -4.10 3.92
CA GLU A 207 33.09 -3.54 4.66
C GLU A 207 33.45 -4.42 5.86
N ILE A 208 32.45 -4.96 6.54
CA ILE A 208 32.70 -5.89 7.64
C ILE A 208 33.49 -7.10 7.15
N CYS A 209 33.05 -7.68 6.02
CA CYS A 209 33.75 -8.85 5.48
C CYS A 209 35.19 -8.52 5.15
N ILE A 210 35.42 -7.37 4.52
CA ILE A 210 36.79 -6.99 4.18
C ILE A 210 37.62 -6.83 5.45
N GLN A 211 37.04 -6.25 6.50
CA GLN A 211 37.78 -6.12 7.75
C GLN A 211 38.05 -7.48 8.39
N GLN A 212 37.11 -8.41 8.24
CA GLN A 212 37.31 -9.74 8.77
C GLN A 212 38.32 -10.56 7.99
N GLY A 213 38.78 -10.08 6.83
CA GLY A 213 39.82 -10.79 6.10
C GLY A 213 39.52 -11.09 4.64
N TRP A 214 38.30 -10.83 4.19
CA TRP A 214 37.95 -11.13 2.81
C TRP A 214 38.78 -10.31 1.83
N LYS A 215 39.27 -10.96 0.77
CA LYS A 215 39.97 -10.26 -0.31
C LYS A 215 38.99 -10.03 -1.44
N PRO A 216 38.53 -8.80 -1.66
CA PRO A 216 37.45 -8.58 -2.62
C PRO A 216 37.98 -8.52 -4.04
N PRO A 217 37.35 -9.24 -4.98
CA PRO A 217 37.68 -9.03 -6.40
C PRO A 217 37.28 -7.65 -6.91
N ARG A 218 36.40 -6.94 -6.22
CA ARG A 218 36.00 -5.59 -6.59
C ARG A 218 35.43 -5.54 -8.01
N GLY A 219 34.37 -6.33 -8.21
CA GLY A 219 33.60 -6.30 -9.44
C GLY A 219 32.16 -5.87 -9.22
N ARG A 220 31.35 -5.92 -10.28
CA ARG A 220 29.97 -5.45 -10.21
C ARG A 220 29.05 -6.48 -9.58
N PHE A 221 29.44 -7.76 -9.60
CA PHE A 221 28.60 -8.88 -9.18
C PHE A 221 29.46 -9.92 -8.47
N ASP A 222 30.08 -9.56 -7.34
CA ASP A 222 30.88 -10.51 -6.59
C ASP A 222 30.03 -11.14 -5.50
N VAL A 223 29.91 -12.47 -5.54
CA VAL A 223 29.17 -13.15 -4.47
C VAL A 223 29.90 -12.95 -3.16
N LEU A 224 29.17 -12.47 -2.17
CA LEU A 224 29.74 -12.22 -0.85
C LEU A 224 30.04 -13.56 -0.16
N PRO A 225 31.05 -13.58 0.71
CA PRO A 225 31.29 -14.78 1.52
C PRO A 225 30.25 -14.86 2.64
N LEU A 226 30.17 -16.06 3.21
CA LEU A 226 29.33 -16.26 4.39
C LEU A 226 30.13 -15.87 5.61
N LEU A 227 29.46 -15.19 6.54
CA LEU A 227 30.03 -14.77 7.81
C LEU A 227 29.13 -15.38 8.87
N LEU A 228 29.63 -16.41 9.54
CA LEU A 228 28.80 -17.34 10.29
C LEU A 228 29.24 -17.35 11.73
N GLN A 229 28.28 -17.30 12.65
CA GLN A 229 28.53 -17.23 14.08
C GLN A 229 27.86 -18.41 14.76
N ALA A 230 28.65 -19.20 15.48
CA ALA A 230 28.16 -20.37 16.20
C ALA A 230 28.42 -20.20 17.69
N ASN A 231 27.38 -20.47 18.50
CA ASN A 231 27.50 -20.57 19.95
C ASN A 231 28.03 -19.28 20.56
N GLY A 232 27.74 -18.14 19.93
CA GLY A 232 28.16 -16.85 20.42
C GLY A 232 29.62 -16.50 20.15
N ASN A 233 30.37 -17.36 19.47
CA ASN A 233 31.77 -17.04 19.18
C ASN A 233 31.87 -15.99 18.07
N ASP A 234 33.08 -15.48 17.87
CA ASP A 234 33.29 -14.53 16.79
C ASP A 234 32.95 -15.18 15.46
N PRO A 235 32.32 -14.46 14.53
CA PRO A 235 31.96 -15.07 13.25
C PRO A 235 33.20 -15.34 12.39
N GLU A 236 33.05 -16.30 11.48
CA GLU A 236 34.13 -16.75 10.62
C GLU A 236 33.69 -16.73 9.17
N LEU A 237 34.65 -16.51 8.27
CA LEU A 237 34.37 -16.35 6.85
C LEU A 237 34.49 -17.66 6.08
N PHE A 238 33.57 -17.87 5.13
CA PHE A 238 33.60 -19.01 4.21
C PHE A 238 33.16 -18.58 2.81
N GLN A 239 33.83 -19.11 1.80
CA GLN A 239 33.45 -18.87 0.42
C GLN A 239 32.46 -19.95 -0.02
N ILE A 240 31.29 -19.53 -0.47
CA ILE A 240 30.36 -20.49 -1.07
C ILE A 240 31.02 -21.07 -2.32
N PRO A 241 31.05 -22.39 -2.51
CA PRO A 241 31.55 -22.94 -3.77
C PRO A 241 30.79 -22.36 -4.93
N PRO A 242 31.47 -21.71 -5.87
CA PRO A 242 30.74 -20.97 -6.92
C PRO A 242 29.84 -21.85 -7.76
N GLU A 243 30.17 -23.14 -7.91
CA GLU A 243 29.29 -24.04 -8.65
C GLU A 243 27.94 -24.23 -7.95
N LEU A 244 27.86 -23.90 -6.66
CA LEU A 244 26.58 -23.92 -5.97
C LEU A 244 25.74 -22.67 -6.22
N VAL A 245 26.29 -21.63 -6.83
CA VAL A 245 25.60 -20.35 -6.99
C VAL A 245 25.09 -20.29 -8.43
N LEU A 246 23.82 -20.59 -8.62
CA LEU A 246 23.21 -20.50 -9.94
C LEU A 246 22.90 -19.04 -10.26
N GLU A 247 23.32 -18.57 -11.43
CA GLU A 247 23.11 -17.19 -11.84
C GLU A 247 22.47 -17.19 -13.22
N VAL A 248 21.82 -16.06 -13.54
CA VAL A 248 21.11 -15.89 -14.80
C VAL A 248 21.58 -14.59 -15.45
N PRO A 249 22.21 -14.62 -16.62
CA PRO A 249 22.46 -13.37 -17.34
C PRO A 249 21.15 -12.84 -17.90
N ILE A 250 20.98 -11.53 -17.87
CA ILE A 250 19.72 -10.89 -18.23
C ILE A 250 19.79 -10.45 -19.68
N ARG A 251 18.84 -10.91 -20.48
CA ARG A 251 18.74 -10.49 -21.87
C ARG A 251 17.28 -10.23 -22.21
N HIS A 252 17.07 -9.58 -23.32
CA HIS A 252 15.73 -9.15 -23.68
C HIS A 252 15.28 -9.88 -24.93
N PRO A 253 14.02 -10.31 -25.00
CA PRO A 253 13.56 -11.05 -26.18
C PRO A 253 13.53 -10.22 -27.46
N LYS A 254 13.43 -8.89 -27.37
CA LYS A 254 13.41 -8.02 -28.54
C LYS A 254 14.66 -7.16 -28.69
N PHE A 255 15.17 -6.60 -27.61
CA PHE A 255 16.30 -5.66 -27.66
C PHE A 255 17.58 -6.48 -27.58
N GLU A 256 18.26 -6.65 -28.72
CA GLU A 256 19.51 -7.40 -28.74
C GLU A 256 20.58 -6.71 -27.90
N TRP A 257 20.49 -5.39 -27.75
CA TRP A 257 21.48 -4.65 -27.00
C TRP A 257 21.37 -4.84 -25.49
N PHE A 258 20.27 -5.42 -25.00
CA PHE A 258 20.08 -5.52 -23.56
C PHE A 258 21.20 -6.34 -22.92
N LYS A 259 21.66 -7.38 -23.60
CA LYS A 259 22.73 -8.19 -23.03
C LYS A 259 24.02 -7.38 -22.88
N ASP A 260 24.21 -6.36 -23.72
CA ASP A 260 25.41 -5.53 -23.61
C ASP A 260 25.46 -4.74 -22.30
N LEU A 261 24.36 -4.67 -21.56
CA LEU A 261 24.42 -4.05 -20.24
C LEU A 261 25.18 -4.91 -19.22
N GLY A 262 25.47 -6.16 -19.55
CA GLY A 262 26.20 -7.03 -18.63
C GLY A 262 25.49 -7.36 -17.33
N LEU A 263 24.16 -7.33 -17.33
CA LEU A 263 23.44 -7.61 -16.10
C LEU A 263 23.25 -9.11 -15.90
N LYS A 264 23.27 -9.52 -14.63
CA LYS A 264 22.89 -10.87 -14.25
C LYS A 264 22.34 -10.80 -12.83
N TRP A 265 21.78 -11.92 -12.37
CA TRP A 265 21.32 -12.02 -11.00
C TRP A 265 21.37 -13.48 -10.58
N TYR A 266 21.27 -13.73 -9.29
CA TYR A 266 21.35 -15.09 -8.77
C TYR A 266 19.95 -15.71 -8.66
N GLY A 267 19.88 -17.04 -8.76
CA GLY A 267 18.58 -17.68 -8.85
C GLY A 267 17.84 -17.80 -7.53
N LEU A 268 18.57 -17.87 -6.41
CA LEU A 268 18.00 -18.31 -5.14
C LEU A 268 17.90 -17.21 -4.10
N PRO A 269 16.71 -16.70 -3.77
CA PRO A 269 16.60 -15.72 -2.67
C PRO A 269 16.52 -16.48 -1.35
N ALA A 270 17.47 -16.24 -0.46
CA ALA A 270 17.57 -17.00 0.79
C ALA A 270 17.79 -16.03 1.94
N VAL A 271 16.71 -15.51 2.50
CA VAL A 271 16.83 -14.54 3.58
C VAL A 271 17.36 -15.23 4.83
N SER A 272 18.34 -14.61 5.47
CA SER A 272 19.10 -15.29 6.51
C SER A 272 19.29 -14.47 7.78
N ASN A 273 18.63 -13.31 7.92
CA ASN A 273 18.86 -12.48 9.09
C ASN A 273 17.64 -12.39 10.00
N MET A 274 16.62 -13.19 9.75
CA MET A 274 15.41 -13.15 10.55
C MET A 274 15.47 -14.17 11.68
N LEU A 275 14.59 -13.98 12.66
CA LEU A 275 14.49 -14.84 13.83
C LEU A 275 13.18 -15.61 13.77
N LEU A 276 13.25 -16.91 14.00
CA LEU A 276 12.07 -17.77 13.99
C LEU A 276 11.65 -18.06 15.43
N GLU A 277 10.42 -17.69 15.78
CA GLU A 277 9.91 -17.88 17.13
C GLU A 277 8.87 -19.00 17.10
N ILE A 278 9.13 -20.07 17.86
CA ILE A 278 8.21 -21.21 17.98
C ILE A 278 8.05 -21.52 19.46
N GLY A 279 6.83 -21.34 19.97
CA GLY A 279 6.52 -21.74 21.33
C GLY A 279 7.30 -21.00 22.40
N GLY A 280 7.71 -19.77 22.10
CA GLY A 280 8.55 -19.00 22.99
C GLY A 280 10.04 -19.22 22.80
N LEU A 281 10.43 -20.23 22.03
CA LEU A 281 11.82 -20.48 21.69
C LEU A 281 12.25 -19.60 20.52
N GLU A 282 13.51 -19.17 20.55
CA GLU A 282 14.03 -18.20 19.59
C GLU A 282 15.15 -18.82 18.79
N PHE A 283 14.89 -19.04 17.50
CA PHE A 283 15.88 -19.59 16.56
C PHE A 283 16.45 -18.42 15.79
N SER A 284 17.59 -17.92 16.27
CA SER A 284 18.22 -16.72 15.77
C SER A 284 18.96 -16.93 14.45
N ALA A 285 19.16 -18.17 14.03
CA ALA A 285 19.74 -18.48 12.73
C ALA A 285 18.84 -19.50 12.05
N CYS A 286 18.16 -19.08 11.00
CA CYS A 286 17.16 -19.92 10.37
C CYS A 286 17.00 -19.56 8.91
N PRO A 287 18.07 -19.60 8.11
CA PRO A 287 17.94 -19.18 6.71
C PRO A 287 16.88 -19.98 5.96
N PHE A 288 16.05 -19.27 5.22
CA PHE A 288 14.97 -19.88 4.45
C PHE A 288 14.99 -19.32 3.03
N SER A 289 14.56 -20.13 2.08
CA SER A 289 14.64 -19.76 0.68
C SER A 289 13.41 -20.24 -0.06
N GLY A 290 13.00 -19.46 -1.05
CA GLY A 290 11.97 -19.86 -1.99
C GLY A 290 12.47 -19.72 -3.41
N TRP A 291 11.69 -19.00 -4.21
CA TRP A 291 12.10 -18.53 -5.54
C TRP A 291 11.55 -17.10 -5.71
N TYR A 292 12.09 -16.40 -6.70
CA TYR A 292 11.79 -14.98 -6.87
C TYR A 292 10.44 -14.74 -7.55
N MET A 293 9.80 -13.64 -7.15
CA MET A 293 8.86 -12.92 -8.00
C MET A 293 9.67 -11.91 -8.80
N GLY A 294 9.42 -11.83 -10.11
CA GLY A 294 10.30 -11.09 -10.99
C GLY A 294 10.54 -9.65 -10.57
N THR A 295 9.54 -9.00 -9.98
CA THR A 295 9.66 -7.59 -9.66
C THR A 295 10.64 -7.34 -8.52
N GLU A 296 10.88 -8.33 -7.66
CA GLU A 296 11.91 -8.18 -6.64
C GLU A 296 13.26 -7.86 -7.28
N ILE A 297 13.55 -8.50 -8.42
CA ILE A 297 14.78 -8.22 -9.16
C ILE A 297 14.61 -7.04 -10.09
N GLY A 298 13.58 -7.10 -10.95
CA GLY A 298 13.46 -6.13 -12.03
C GLY A 298 13.07 -4.74 -11.58
N VAL A 299 12.30 -4.63 -10.50
CA VAL A 299 11.84 -3.32 -10.05
C VAL A 299 12.72 -2.80 -8.91
N ARG A 300 12.89 -3.61 -7.87
CA ARG A 300 13.55 -3.14 -6.66
C ARG A 300 15.07 -3.22 -6.80
N ASP A 301 15.62 -4.43 -6.99
CA ASP A 301 17.07 -4.62 -7.07
C ASP A 301 17.70 -3.84 -8.21
N TYR A 302 16.99 -3.65 -9.33
CA TYR A 302 17.58 -2.99 -10.50
C TYR A 302 17.24 -1.51 -10.63
N CYS A 303 16.04 -1.10 -10.20
CA CYS A 303 15.57 0.24 -10.50
C CYS A 303 15.39 1.14 -9.28
N ASP A 304 15.50 0.60 -8.06
CA ASP A 304 15.61 1.47 -6.89
C ASP A 304 16.80 2.39 -7.06
N ASN A 305 16.60 3.68 -6.75
CA ASN A 305 17.67 4.66 -6.91
C ASN A 305 18.90 4.31 -6.08
N SER A 306 18.68 3.76 -4.88
CA SER A 306 19.78 3.37 -4.01
C SER A 306 20.19 1.91 -4.18
N ARG A 307 19.79 1.28 -5.29
CA ARG A 307 20.30 -0.04 -5.62
C ARG A 307 21.10 0.05 -6.92
N TYR A 308 20.87 -0.87 -7.87
CA TYR A 308 21.65 -0.82 -9.11
C TYR A 308 21.25 0.33 -10.02
N ASN A 309 20.01 0.82 -9.91
CA ASN A 309 19.63 2.10 -10.48
C ASN A 309 19.96 2.18 -11.97
N ILE A 310 19.36 1.28 -12.76
CA ILE A 310 19.72 1.17 -14.18
C ILE A 310 18.71 1.81 -15.10
N LEU A 311 17.63 2.39 -14.57
CA LEU A 311 16.59 2.98 -15.41
C LEU A 311 17.17 3.93 -16.45
N GLU A 312 18.05 4.84 -16.02
CA GLU A 312 18.55 5.86 -16.92
C GLU A 312 19.29 5.25 -18.10
N GLU A 313 20.21 4.32 -17.83
CA GLU A 313 20.98 3.70 -18.91
CA GLU A 313 20.98 3.72 -18.92
C GLU A 313 20.10 2.88 -19.84
N VAL A 314 19.07 2.22 -19.29
CA VAL A 314 18.17 1.46 -20.15
C VAL A 314 17.34 2.41 -21.01
N ALA A 315 16.92 3.54 -20.45
CA ALA A 315 16.13 4.48 -21.22
C ALA A 315 16.94 5.10 -22.34
N LYS A 316 18.23 5.37 -22.09
CA LYS A 316 19.12 5.87 -23.15
C LYS A 316 19.16 4.90 -24.34
N LYS A 317 19.39 3.61 -24.06
CA LYS A 317 19.47 2.63 -25.14
C LYS A 317 18.13 2.46 -25.83
N MET A 318 17.02 2.74 -25.12
CA MET A 318 15.71 2.77 -25.76
C MET A 318 15.47 4.07 -26.50
N ASN A 319 16.34 5.07 -26.32
CA ASN A 319 16.20 6.37 -26.95
C ASN A 319 14.84 7.02 -26.66
N LEU A 320 14.53 7.11 -25.38
CA LEU A 320 13.35 7.82 -24.90
C LEU A 320 13.70 9.26 -24.57
N ASP A 321 12.70 10.15 -24.63
CA ASP A 321 12.90 11.49 -24.13
C ASP A 321 12.94 11.46 -22.61
N MET A 322 14.07 11.82 -22.02
CA MET A 322 14.27 11.79 -20.59
C MET A 322 14.23 13.19 -19.96
N ARG A 323 13.78 14.21 -20.70
CA ARG A 323 13.70 15.56 -20.18
C ARG A 323 12.41 15.84 -19.41
N LYS A 324 11.27 15.28 -19.85
CA LYS A 324 9.99 15.44 -19.19
C LYS A 324 9.66 14.18 -18.40
N THR A 325 9.22 14.36 -17.14
CA THR A 325 8.71 13.19 -16.41
C THR A 325 7.43 12.67 -17.04
N SER A 326 6.62 13.56 -17.64
CA SER A 326 5.31 13.16 -18.14
C SER A 326 5.40 12.34 -19.42
N SER A 327 6.58 12.23 -20.03
CA SER A 327 6.76 11.21 -21.06
C SER A 327 6.73 9.79 -20.51
N LEU A 328 6.79 9.64 -19.17
CA LEU A 328 6.80 8.32 -18.51
C LEU A 328 7.92 7.43 -19.02
N TRP A 329 9.07 8.04 -19.33
CA TRP A 329 10.20 7.25 -19.78
C TRP A 329 10.64 6.26 -18.71
N LYS A 330 10.48 6.62 -17.43
CA LYS A 330 10.86 5.72 -16.35
C LYS A 330 9.95 4.51 -16.31
N ASP A 331 8.65 4.72 -16.45
CA ASP A 331 7.69 3.61 -16.42
C ASP A 331 7.91 2.69 -17.62
N GLN A 332 8.23 3.27 -18.78
CA GLN A 332 8.42 2.46 -19.98
C GLN A 332 9.63 1.55 -19.83
N ALA A 333 10.77 2.12 -19.43
CA ALA A 333 11.97 1.32 -19.21
C ALA A 333 11.78 0.27 -18.11
N LEU A 334 11.04 0.62 -17.06
CA LEU A 334 10.81 -0.31 -15.96
C LEU A 334 10.12 -1.58 -16.46
N VAL A 335 9.12 -1.42 -17.32
CA VAL A 335 8.43 -2.59 -17.90
C VAL A 335 9.40 -3.46 -18.67
N GLU A 336 10.25 -2.85 -19.51
CA GLU A 336 11.14 -3.63 -20.37
C GLU A 336 12.17 -4.41 -19.55
N ILE A 337 12.69 -3.78 -18.48
CA ILE A 337 13.62 -4.44 -17.58
C ILE A 337 12.97 -5.66 -16.96
N ASN A 338 11.70 -5.54 -16.59
CA ASN A 338 11.03 -6.66 -15.95
C ASN A 338 10.65 -7.74 -16.95
N ILE A 339 10.39 -7.35 -18.20
CA ILE A 339 10.22 -8.35 -19.26
C ILE A 339 11.49 -9.16 -19.44
N ALA A 340 12.65 -8.48 -19.48
CA ALA A 340 13.90 -9.19 -19.69
C ALA A 340 14.21 -10.15 -18.55
N VAL A 341 13.90 -9.75 -17.31
CA VAL A 341 14.21 -10.60 -16.17
C VAL A 341 13.41 -11.90 -16.22
N LEU A 342 12.10 -11.78 -16.46
CA LEU A 342 11.26 -12.98 -16.58
C LEU A 342 11.66 -13.81 -17.78
N TYR A 343 11.96 -13.18 -18.92
CA TYR A 343 12.41 -13.92 -20.10
C TYR A 343 13.70 -14.69 -19.83
N SER A 344 14.63 -14.07 -19.10
CA SER A 344 15.93 -14.71 -18.91
C SER A 344 15.85 -15.92 -17.99
N PHE A 345 15.10 -15.80 -16.88
CA PHE A 345 14.92 -16.92 -15.97
C PHE A 345 14.16 -18.08 -16.63
N GLN A 346 13.11 -17.75 -17.37
CA GLN A 346 12.35 -18.79 -18.05
C GLN A 346 13.20 -19.50 -19.10
N SER A 347 13.97 -18.73 -19.87
CA SER A 347 14.82 -19.33 -20.90
C SER A 347 15.83 -20.30 -20.30
N ASP A 348 16.42 -19.94 -19.17
CA ASP A 348 17.39 -20.80 -18.50
C ASP A 348 16.74 -21.83 -17.59
N LYS A 349 15.40 -21.91 -17.60
CA LYS A 349 14.64 -22.86 -16.79
C LYS A 349 14.98 -22.75 -15.30
N VAL A 350 15.04 -21.52 -14.81
CA VAL A 350 15.15 -21.23 -13.39
C VAL A 350 13.80 -20.71 -12.93
N THR A 351 13.29 -21.30 -11.86
CA THR A 351 11.96 -20.96 -11.35
C THR A 351 11.84 -19.48 -11.04
N ILE A 352 10.75 -18.88 -11.53
CA ILE A 352 10.45 -17.49 -11.27
C ILE A 352 8.95 -17.34 -11.47
N VAL A 353 8.34 -16.35 -10.82
CA VAL A 353 6.91 -16.12 -10.98
C VAL A 353 6.70 -14.65 -11.29
N ASP A 354 5.85 -14.35 -12.28
CA ASP A 354 5.58 -12.94 -12.52
C ASP A 354 4.56 -12.42 -11.52
N HIS A 355 4.48 -11.09 -11.41
CA HIS A 355 3.62 -10.49 -10.38
C HIS A 355 2.14 -10.72 -10.65
N HIS A 356 1.75 -10.94 -11.90
CA HIS A 356 0.34 -11.25 -12.17
C HIS A 356 -0.02 -12.63 -11.65
N SER A 357 0.77 -13.64 -12.01
CA SER A 357 0.50 -15.00 -11.54
CA SER A 357 0.51 -15.00 -11.54
C SER A 357 0.56 -15.10 -10.02
N ALA A 358 1.56 -14.47 -9.40
CA ALA A 358 1.76 -14.61 -7.96
C ALA A 358 0.61 -13.99 -7.18
N THR A 359 0.17 -12.79 -7.57
CA THR A 359 -0.91 -12.16 -6.84
C THR A 359 -2.23 -12.88 -7.06
N GLU A 360 -2.45 -13.44 -8.24
CA GLU A 360 -3.66 -14.22 -8.47
C GLU A 360 -3.68 -15.44 -7.56
N SER A 361 -2.54 -16.15 -7.49
CA SER A 361 -2.44 -17.31 -6.59
C SER A 361 -2.65 -16.91 -5.14
N PHE A 362 -2.10 -15.77 -4.73
CA PHE A 362 -2.26 -15.33 -3.34
C PHE A 362 -3.73 -15.09 -3.01
N ILE A 363 -4.50 -14.54 -3.95
CA ILE A 363 -5.92 -14.32 -3.70
C ILE A 363 -6.63 -15.66 -3.49
N LYS A 364 -6.41 -16.61 -4.38
CA LYS A 364 -6.96 -17.95 -4.18
C LYS A 364 -6.52 -18.54 -2.84
N HIS A 365 -5.24 -18.36 -2.49
CA HIS A 365 -4.75 -18.83 -1.20
C HIS A 365 -5.50 -18.17 -0.06
N MET A 366 -5.62 -16.85 -0.10
CA MET A 366 -6.30 -16.13 0.97
C MET A 366 -7.75 -16.56 1.11
N GLU A 367 -8.46 -16.71 -0.02
CA GLU A 367 -9.83 -17.22 0.04
C GLU A 367 -9.85 -18.59 0.69
N ASN A 368 -8.92 -19.47 0.33
CA ASN A 368 -8.90 -20.80 0.93
C ASN A 368 -8.65 -20.72 2.44
N GLU A 369 -7.70 -19.86 2.86
CA GLU A 369 -7.37 -19.73 4.27
C GLU A 369 -8.55 -19.20 5.07
N TYR A 370 -9.28 -18.22 4.52
CA TYR A 370 -10.45 -17.73 5.23
C TYR A 370 -11.45 -18.84 5.47
N ARG A 371 -11.62 -19.71 4.48
CA ARG A 371 -12.65 -20.73 4.56
C ARG A 371 -12.20 -21.93 5.40
N CYS A 372 -10.93 -22.31 5.37
CA CYS A 372 -10.45 -23.45 6.14
CA CYS A 372 -10.50 -23.45 6.16
C CYS A 372 -9.92 -23.05 7.51
N ARG A 373 -9.38 -21.83 7.65
CA ARG A 373 -8.68 -21.44 8.86
C ARG A 373 -9.36 -20.30 9.63
N GLY A 374 -10.32 -19.62 9.02
CA GLY A 374 -10.93 -18.46 9.64
C GLY A 374 -10.24 -17.15 9.34
N GLY A 375 -9.21 -17.14 8.50
CA GLY A 375 -8.59 -15.88 8.14
C GLY A 375 -7.20 -16.08 7.57
N CYS A 376 -6.62 -14.94 7.20
CA CYS A 376 -5.27 -14.92 6.61
C CYS A 376 -4.66 -13.54 6.81
N PRO A 377 -3.79 -13.37 7.81
CA PRO A 377 -3.19 -12.05 8.02
C PRO A 377 -2.38 -11.65 6.80
N ALA A 378 -2.55 -10.41 6.36
CA ALA A 378 -1.89 -9.98 5.13
C ALA A 378 -1.59 -8.49 5.23
N ASP A 379 -0.36 -8.13 4.84
CA ASP A 379 0.11 -6.74 4.89
C ASP A 379 0.00 -6.15 3.49
N TRP A 380 -1.08 -5.39 3.23
CA TRP A 380 -1.33 -4.88 1.88
C TRP A 380 -0.14 -4.10 1.34
N VAL A 381 0.48 -3.28 2.19
CA VAL A 381 1.59 -2.42 1.77
C VAL A 381 2.73 -3.23 1.17
N TRP A 382 2.91 -4.46 1.65
CA TRP A 382 3.96 -5.35 1.15
C TRP A 382 3.48 -6.32 0.09
N ILE A 383 2.21 -6.72 0.14
CA ILE A 383 1.69 -7.72 -0.79
C ILE A 383 1.51 -7.13 -2.18
N VAL A 384 1.03 -5.90 -2.28
CA VAL A 384 0.84 -5.27 -3.60
C VAL A 384 2.20 -5.06 -4.25
N PRO A 385 2.40 -5.50 -5.50
CA PRO A 385 3.73 -5.43 -6.13
C PRO A 385 4.15 -4.00 -6.38
N PRO A 386 5.46 -3.75 -6.55
CA PRO A 386 5.97 -2.39 -6.67
C PRO A 386 5.82 -1.76 -8.05
N MET A 387 5.26 -2.46 -9.02
CA MET A 387 4.80 -1.84 -10.26
C MET A 387 3.40 -2.35 -10.55
N SER A 388 2.68 -1.61 -11.40
CA SER A 388 1.42 -2.09 -11.96
C SER A 388 0.43 -2.51 -10.89
N GLY A 389 0.48 -1.88 -9.72
CA GLY A 389 -0.31 -2.32 -8.59
C GLY A 389 -1.78 -2.60 -8.87
N SER A 390 -2.50 -1.60 -9.39
CA SER A 390 -3.94 -1.76 -9.52
C SER A 390 -4.37 -2.69 -10.64
N ILE A 391 -3.45 -3.15 -11.49
CA ILE A 391 -3.87 -4.15 -12.49
C ILE A 391 -3.56 -5.55 -11.98
N THR A 392 -3.22 -5.66 -10.69
CA THR A 392 -3.17 -6.96 -10.03
C THR A 392 -4.35 -7.10 -9.09
N PRO A 393 -4.80 -8.32 -8.81
CA PRO A 393 -6.01 -8.49 -8.00
C PRO A 393 -5.85 -8.10 -6.54
N VAL A 394 -4.63 -8.12 -5.99
CA VAL A 394 -4.47 -7.82 -4.57
C VAL A 394 -4.75 -6.35 -4.27
N PHE A 395 -4.53 -5.48 -5.25
CA PHE A 395 -4.75 -4.04 -5.02
C PHE A 395 -6.16 -3.77 -4.51
N HIS A 396 -7.16 -4.47 -5.08
CA HIS A 396 -8.56 -4.22 -4.76
C HIS A 396 -9.05 -5.05 -3.60
N GLN A 397 -8.18 -5.85 -2.99
CA GLN A 397 -8.55 -6.77 -1.92
C GLN A 397 -8.29 -6.14 -0.57
N GLU A 398 -9.36 -5.92 0.20
CA GLU A 398 -9.17 -5.52 1.59
C GLU A 398 -8.49 -6.64 2.37
N MET A 399 -7.59 -6.26 3.28
CA MET A 399 -6.84 -7.21 4.06
C MET A 399 -6.86 -6.78 5.52
N LEU A 400 -6.67 -7.77 6.39
CA LEU A 400 -6.47 -7.54 7.81
C LEU A 400 -5.07 -7.98 8.18
N ASN A 401 -4.34 -7.13 8.90
CA ASN A 401 -3.00 -7.50 9.31
C ASN A 401 -2.94 -7.72 10.81
N TYR A 402 -2.38 -8.86 11.22
CA TYR A 402 -2.24 -9.17 12.64
C TYR A 402 -1.20 -10.26 12.77
N ARG A 403 -0.70 -10.45 13.99
CA ARG A 403 0.51 -11.22 14.20
C ARG A 403 0.16 -12.53 14.89
N LEU A 404 0.29 -13.63 14.17
CA LEU A 404 0.19 -14.95 14.75
C LEU A 404 1.59 -15.51 14.99
N THR A 405 1.67 -16.43 15.94
CA THR A 405 2.86 -17.22 16.22
C THR A 405 2.55 -18.70 15.95
N PRO A 406 3.54 -19.51 15.52
CA PRO A 406 4.96 -19.23 15.19
C PRO A 406 5.15 -18.09 14.21
N SER A 407 6.29 -17.39 14.24
CA SER A 407 6.43 -16.23 13.39
C SER A 407 7.89 -15.97 13.03
N PHE A 408 8.10 -15.32 11.89
CA PHE A 408 9.40 -14.77 11.55
C PHE A 408 9.46 -13.32 12.02
N GLU A 409 10.50 -12.99 12.77
CA GLU A 409 10.65 -11.68 13.39
C GLU A 409 11.92 -11.03 12.88
N TYR A 410 11.93 -9.70 12.92
CA TYR A 410 13.20 -9.02 12.71
C TYR A 410 14.02 -9.10 13.98
N GLN A 411 15.33 -8.93 13.82
CA GLN A 411 16.24 -8.90 14.95
C GLN A 411 17.34 -7.91 14.63
N PRO A 412 17.98 -7.32 15.64
CA PRO A 412 19.05 -6.36 15.36
C PRO A 412 20.20 -7.01 14.62
N ASP A 413 20.88 -6.23 13.82
CA ASP A 413 22.07 -6.71 13.12
C ASP A 413 23.10 -7.19 14.14
N PRO A 414 23.77 -8.32 13.88
CA PRO A 414 24.62 -8.92 14.91
C PRO A 414 25.88 -8.11 15.21
N TRP A 415 26.38 -7.34 14.24
CA TRP A 415 27.56 -6.54 14.54
C TRP A 415 27.26 -5.41 15.51
N ASN A 416 25.98 -5.06 15.69
CA ASN A 416 25.66 -4.00 16.65
C ASN A 416 25.61 -4.51 18.08
N THR A 417 25.42 -5.81 18.28
CA THR A 417 25.25 -6.37 19.62
C THR A 417 26.35 -7.34 20.03
N HIS A 418 27.15 -7.84 19.09
CA HIS A 418 28.10 -8.90 19.40
C HIS A 418 29.19 -8.41 20.34
N VAL A 419 29.55 -9.26 21.31
CA VAL A 419 30.65 -8.97 22.22
C VAL A 419 31.88 -9.70 21.69
N TRP A 420 32.82 -8.95 21.13
CA TRP A 420 33.97 -9.58 20.48
C TRP A 420 34.87 -10.27 21.50
N LYS A 421 35.27 -11.50 21.19
CA LYS A 421 36.12 -12.27 22.09
C LYS A 421 37.59 -11.84 21.99
N ARG B 3 3.50 10.35 22.78
CA ARG B 3 4.92 10.21 22.47
C ARG B 3 5.24 10.69 21.06
N PHE B 4 6.41 11.30 20.88
CA PHE B 4 6.87 11.70 19.56
C PHE B 4 7.11 10.46 18.72
N LEU B 5 6.56 10.44 17.51
CA LEU B 5 6.73 9.31 16.60
C LEU B 5 7.56 9.75 15.41
N LYS B 6 8.45 8.87 14.96
CA LYS B 6 9.35 9.18 13.86
C LYS B 6 8.89 8.43 12.62
N VAL B 7 9.04 9.09 11.48
CA VAL B 7 8.83 8.47 10.17
C VAL B 7 10.12 8.65 9.39
N LYS B 8 10.52 7.61 8.69
CA LYS B 8 11.75 7.63 7.94
C LYS B 8 11.44 7.44 6.46
N ASN B 9 12.18 8.15 5.63
CA ASN B 9 12.24 7.86 4.20
C ASN B 9 13.44 6.95 3.98
N TRP B 10 13.20 5.78 3.42
CA TRP B 10 14.26 4.80 3.29
C TRP B 10 15.11 5.02 2.06
N GLU B 11 14.74 5.95 1.19
CA GLU B 11 15.59 6.28 0.04
C GLU B 11 16.54 7.42 0.37
N THR B 12 16.04 8.48 1.01
CA THR B 12 16.86 9.63 1.35
C THR B 12 17.41 9.59 2.77
N GLU B 13 16.91 8.68 3.62
CA GLU B 13 17.26 8.56 5.04
C GLU B 13 16.80 9.73 5.88
N VAL B 14 15.98 10.63 5.33
CA VAL B 14 15.45 11.72 6.14
C VAL B 14 14.48 11.16 7.17
N VAL B 15 14.57 11.68 8.40
CA VAL B 15 13.66 11.32 9.48
C VAL B 15 12.88 12.57 9.90
N LEU B 16 11.55 12.43 9.96
CA LEU B 16 10.67 13.47 10.48
C LEU B 16 10.08 13.02 11.81
N THR B 17 9.68 13.99 12.64
CA THR B 17 9.17 13.71 13.97
C THR B 17 7.72 14.20 14.06
N ASP B 18 6.80 13.29 14.36
CA ASP B 18 5.39 13.63 14.38
C ASP B 18 4.95 13.92 15.80
N THR B 19 4.48 15.14 16.04
CA THR B 19 3.77 15.51 17.25
C THR B 19 2.30 15.77 17.02
N LEU B 20 1.91 16.04 15.77
CA LEU B 20 0.54 16.47 15.47
C LEU B 20 -0.47 15.36 15.76
N HIS B 21 -0.05 14.08 15.65
CA HIS B 21 -0.98 12.99 15.91
C HIS B 21 -1.57 13.06 17.32
N LEU B 22 -0.88 13.73 18.25
CA LEU B 22 -1.39 13.87 19.62
C LEU B 22 -2.68 14.66 19.70
N LYS B 23 -3.08 15.34 18.62
CA LYS B 23 -4.29 16.14 18.60
C LYS B 23 -5.50 15.42 18.05
N SER B 24 -5.36 14.18 17.58
CA SER B 24 -6.49 13.55 16.93
C SER B 24 -7.44 12.97 17.98
N THR B 25 -8.71 12.82 17.58
CA THR B 25 -9.73 12.33 18.50
C THR B 25 -10.58 11.26 17.84
N LEU B 26 -10.78 11.38 16.53
CA LEU B 26 -11.54 10.36 15.81
C LEU B 26 -10.70 9.08 15.69
N GLU B 27 -11.38 7.96 15.48
CA GLU B 27 -10.72 6.66 15.45
C GLU B 27 -10.30 6.28 14.03
N THR B 28 -9.28 5.43 13.94
CA THR B 28 -8.74 5.01 12.65
C THR B 28 -9.34 3.71 12.12
N GLY B 29 -9.79 2.83 13.01
CA GLY B 29 -10.25 1.51 12.64
C GLY B 29 -9.34 0.40 13.13
N CYS B 30 -8.06 0.70 13.28
CA CYS B 30 -7.08 -0.23 13.81
C CYS B 30 -7.22 -0.35 15.32
N THR B 31 -6.68 -1.44 15.86
CA THR B 31 -6.44 -1.64 17.29
C THR B 31 -4.98 -2.05 17.49
N GLU B 32 -4.60 -2.20 18.75
CA GLU B 32 -3.25 -2.64 19.06
C GLU B 32 -2.93 -4.01 18.47
N TYR B 33 -3.95 -4.81 18.15
CA TYR B 33 -3.72 -6.17 17.67
C TYR B 33 -4.06 -6.39 16.22
N ILE B 34 -4.85 -5.52 15.60
CA ILE B 34 -5.26 -5.68 14.20
C ILE B 34 -5.16 -4.33 13.51
N CYS B 35 -4.49 -4.30 12.37
CA CYS B 35 -4.41 -3.13 11.52
C CYS B 35 -5.42 -3.28 10.39
N MET B 36 -6.28 -2.28 10.22
CA MET B 36 -7.25 -2.22 9.15
C MET B 36 -6.89 -1.17 8.11
N GLY B 37 -5.59 -0.91 7.96
CA GLY B 37 -5.07 0.09 7.04
C GLY B 37 -5.53 -0.04 5.60
N SER B 38 -5.91 -1.24 5.15
CA SER B 38 -6.35 -1.42 3.77
C SER B 38 -7.87 -1.52 3.64
N ILE B 39 -8.60 -1.31 4.72
CA ILE B 39 -10.07 -1.32 4.67
C ILE B 39 -10.54 0.02 4.11
N MET B 40 -11.47 -0.01 3.15
CA MET B 40 -11.81 1.24 2.48
C MET B 40 -12.66 2.15 3.38
N HIS B 41 -13.64 1.58 4.09
CA HIS B 41 -14.47 2.33 5.04
CA HIS B 41 -14.45 2.34 5.05
C HIS B 41 -14.52 1.56 6.36
N PRO B 42 -13.58 1.81 7.29
CA PRO B 42 -13.57 1.05 8.55
C PRO B 42 -14.80 1.32 9.43
N ALA B 53 -26.24 14.93 15.78
CA ALA B 53 -25.69 15.55 16.98
C ALA B 53 -26.80 15.92 17.97
N THR B 54 -26.40 16.29 19.18
CA THR B 54 -27.27 16.91 20.16
C THR B 54 -26.54 18.11 20.74
N LYS B 55 -27.27 18.96 21.46
CA LYS B 55 -26.63 20.09 22.16
C LYS B 55 -25.40 19.64 22.94
N ASP B 56 -25.46 18.45 23.53
CA ASP B 56 -24.42 17.98 24.44
C ASP B 56 -23.18 17.53 23.70
N GLN B 57 -23.35 16.81 22.59
CA GLN B 57 -22.20 16.45 21.77
C GLN B 57 -21.63 17.67 21.05
N LEU B 58 -22.47 18.67 20.79
CA LEU B 58 -22.09 19.70 19.81
C LEU B 58 -21.16 20.74 20.41
N PHE B 59 -21.39 21.17 21.65
CA PHE B 59 -20.60 22.32 22.10
C PHE B 59 -19.11 22.04 22.24
N PRO B 60 -18.68 20.89 22.80
CA PRO B 60 -17.23 20.63 22.82
C PRO B 60 -16.62 20.60 21.43
N LEU B 61 -17.32 19.98 20.47
CA LEU B 61 -16.83 19.96 19.09
C LEU B 61 -16.72 21.38 18.53
N ALA B 62 -17.74 22.20 18.76
CA ALA B 62 -17.66 23.59 18.31
C ALA B 62 -16.53 24.32 19.01
N LYS B 63 -16.39 24.10 20.32
CA LYS B 63 -15.38 24.82 21.10
C LYS B 63 -13.99 24.47 20.60
N GLU B 64 -13.73 23.17 20.41
CA GLU B 64 -12.46 22.73 19.85
C GLU B 64 -12.18 23.45 18.53
N PHE B 65 -13.18 23.55 17.66
CA PHE B 65 -12.93 24.15 16.34
C PHE B 65 -12.70 25.64 16.44
N ILE B 66 -13.53 26.34 17.23
CA ILE B 66 -13.30 27.78 17.43
C ILE B 66 -11.93 28.02 18.05
N ASP B 67 -11.51 27.14 18.97
CA ASP B 67 -10.21 27.29 19.61
C ASP B 67 -9.08 27.18 18.58
N GLN B 68 -9.16 26.22 17.66
CA GLN B 68 -8.08 26.10 16.70
C GLN B 68 -8.16 27.19 15.64
N TYR B 69 -9.37 27.65 15.30
CA TYR B 69 -9.48 28.80 14.41
C TYR B 69 -8.75 30.00 15.00
N TYR B 70 -9.09 30.38 16.23
CA TYR B 70 -8.50 31.59 16.80
C TYR B 70 -7.02 31.40 17.11
N SER B 71 -6.60 30.16 17.35
CA SER B 71 -5.17 29.89 17.43
C SER B 71 -4.51 30.01 16.08
N SER B 72 -5.22 29.69 14.99
CA SER B 72 -4.63 29.79 13.66
C SER B 72 -4.38 31.24 13.27
N ILE B 73 -5.24 32.16 13.68
CA ILE B 73 -5.10 33.57 13.34
C ILE B 73 -4.39 34.32 14.47
N LYS B 74 -3.74 33.56 15.36
CA LYS B 74 -2.90 34.12 16.43
C LYS B 74 -3.67 35.13 17.30
N ARG B 75 -4.86 34.72 17.71
CA ARG B 75 -5.68 35.51 18.63
C ARG B 75 -6.33 34.59 19.66
N PHE B 76 -5.62 33.54 20.06
CA PHE B 76 -6.13 32.60 21.05
C PHE B 76 -6.34 33.31 22.39
N GLY B 77 -7.50 33.07 23.00
CA GLY B 77 -7.82 33.71 24.25
C GLY B 77 -8.07 35.20 24.17
N SER B 78 -8.32 35.73 22.97
CA SER B 78 -8.57 37.16 22.82
C SER B 78 -10.02 37.47 23.16
N LYS B 79 -10.32 38.78 23.21
CA LYS B 79 -11.69 39.23 23.41
C LYS B 79 -12.62 38.68 22.33
N ALA B 80 -12.17 38.71 21.07
CA ALA B 80 -12.99 38.17 19.99
C ALA B 80 -13.17 36.66 20.15
N HIS B 81 -12.10 35.96 20.54
CA HIS B 81 -12.22 34.53 20.80
C HIS B 81 -13.20 34.27 21.94
N MET B 82 -13.06 35.01 23.05
CA MET B 82 -13.94 34.81 24.19
C MET B 82 -15.40 35.04 23.82
N GLU B 83 -15.68 36.08 23.05
CA GLU B 83 -17.06 36.41 22.72
C GLU B 83 -17.65 35.44 21.70
N ARG B 84 -16.82 34.91 20.81
CA ARG B 84 -17.32 33.94 19.83
C ARG B 84 -17.78 32.65 20.52
N LEU B 85 -17.01 32.19 21.51
CA LEU B 85 -17.41 30.99 22.25
C LEU B 85 -18.75 31.19 22.96
N GLU B 86 -18.94 32.33 23.61
CA GLU B 86 -20.21 32.61 24.27
C GLU B 86 -21.34 32.74 23.26
N GLU B 87 -21.08 33.41 22.13
CA GLU B 87 -22.06 33.47 21.05
C GLU B 87 -22.46 32.08 20.58
N VAL B 88 -21.50 31.17 20.46
CA VAL B 88 -21.78 29.81 19.97
C VAL B 88 -22.49 28.99 21.03
N ASN B 89 -22.08 29.10 22.30
CA ASN B 89 -22.78 28.41 23.38
C ASN B 89 -24.22 28.86 23.47
N LYS B 90 -24.45 30.17 23.46
CA LYS B 90 -25.81 30.72 23.51
C LYS B 90 -26.65 30.20 22.36
N GLU B 91 -26.05 30.04 21.18
CA GLU B 91 -26.82 29.67 20.00
C GLU B 91 -27.18 28.19 20.00
N ILE B 92 -26.22 27.32 20.36
CA ILE B 92 -26.52 25.90 20.53
C ILE B 92 -27.61 25.71 21.58
N ASP B 93 -27.57 26.52 22.64
CA ASP B 93 -28.62 26.52 23.65
C ASP B 93 -29.99 26.73 23.02
N THR B 94 -30.16 27.84 22.29
CA THR B 94 -31.46 28.32 21.87
C THR B 94 -31.92 27.73 20.54
N THR B 95 -31.08 26.99 19.82
CA THR B 95 -31.46 26.44 18.52
C THR B 95 -31.01 25.01 18.28
N SER B 96 -30.23 24.41 19.18
CA SER B 96 -29.65 23.06 19.04
C SER B 96 -28.63 22.96 17.91
N THR B 97 -28.20 24.08 17.34
CA THR B 97 -27.11 24.08 16.38
C THR B 97 -26.49 25.47 16.37
N TYR B 98 -25.61 25.72 15.40
CA TYR B 98 -25.09 27.06 15.21
C TYR B 98 -24.62 27.22 13.78
N GLN B 99 -24.33 28.47 13.42
CA GLN B 99 -23.90 28.82 12.08
C GLN B 99 -22.46 29.32 12.14
N LEU B 100 -21.63 28.80 11.25
CA LEU B 100 -20.26 29.27 11.12
C LEU B 100 -20.23 30.70 10.55
N LYS B 101 -19.26 31.48 10.99
CA LYS B 101 -18.94 32.71 10.27
C LYS B 101 -18.32 32.36 8.93
N ASP B 102 -18.34 33.33 8.01
CA ASP B 102 -17.75 33.11 6.70
C ASP B 102 -16.27 32.79 6.81
N THR B 103 -15.55 33.52 7.65
CA THR B 103 -14.13 33.24 7.84
C THR B 103 -13.92 31.83 8.36
N GLU B 104 -14.80 31.40 9.26
CA GLU B 104 -14.70 30.05 9.84
C GLU B 104 -14.99 28.99 8.81
N LEU B 105 -15.97 29.23 7.94
CA LEU B 105 -16.32 28.27 6.90
C LEU B 105 -15.15 28.04 5.95
N ILE B 106 -14.52 29.13 5.53
CA ILE B 106 -13.38 29.06 4.61
C ILE B 106 -12.22 28.34 5.28
N TYR B 107 -11.89 28.73 6.52
CA TYR B 107 -10.81 28.07 7.25
C TYR B 107 -11.08 26.58 7.40
N GLY B 108 -12.35 26.21 7.63
CA GLY B 108 -12.68 24.81 7.86
C GLY B 108 -12.67 23.98 6.60
N ALA B 109 -13.06 24.57 5.46
CA ALA B 109 -13.00 23.81 4.22
C ALA B 109 -11.55 23.59 3.79
N LYS B 110 -10.69 24.61 3.94
CA LYS B 110 -9.28 24.44 3.62
C LYS B 110 -8.63 23.38 4.50
N HIS B 111 -9.00 23.33 5.78
CA HIS B 111 -8.35 22.38 6.67
C HIS B 111 -8.92 20.98 6.54
N ALA B 112 -10.19 20.85 6.12
CA ALA B 112 -10.67 19.53 5.72
C ALA B 112 -9.85 18.97 4.57
N TRP B 113 -9.50 19.79 3.59
CA TRP B 113 -8.58 19.31 2.56
C TRP B 113 -7.20 19.04 3.13
N ARG B 114 -6.69 19.93 3.99
CA ARG B 114 -5.34 19.77 4.54
C ARG B 114 -5.21 18.47 5.33
N ASN B 115 -6.31 18.04 5.94
CA ASN B 115 -6.36 16.85 6.77
C ASN B 115 -6.73 15.59 6.01
N ALA B 116 -6.93 15.66 4.70
CA ALA B 116 -7.42 14.50 3.93
C ALA B 116 -6.24 13.57 3.72
N SER B 117 -6.15 12.55 4.58
CA SER B 117 -4.96 11.71 4.57
CA SER B 117 -4.99 11.65 4.58
C SER B 117 -4.78 10.97 3.25
N ARG B 118 -5.85 10.77 2.48
CA ARG B 118 -5.75 10.02 1.23
C ARG B 118 -5.43 10.87 0.01
N CYS B 119 -5.24 12.18 0.16
CA CYS B 119 -5.07 13.06 -0.98
C CYS B 119 -3.59 13.43 -1.15
N VAL B 120 -3.02 13.05 -2.30
CA VAL B 120 -1.64 13.40 -2.66
C VAL B 120 -1.51 14.82 -3.16
N GLY B 121 -2.62 15.51 -3.39
CA GLY B 121 -2.59 16.85 -3.96
C GLY B 121 -2.52 17.98 -2.95
N ARG B 122 -2.28 17.68 -1.67
CA ARG B 122 -2.52 18.64 -0.60
C ARG B 122 -1.50 19.78 -0.51
N ILE B 123 -0.40 19.76 -1.26
CA ILE B 123 0.46 20.94 -1.31
C ILE B 123 -0.30 22.18 -1.72
N GLN B 124 -1.44 22.03 -2.38
CA GLN B 124 -2.27 23.14 -2.82
C GLN B 124 -3.31 23.59 -1.79
N TRP B 125 -3.34 22.97 -0.59
CA TRP B 125 -4.54 23.02 0.24
C TRP B 125 -5.03 24.45 0.53
N SER B 126 -4.12 25.42 0.67
CA SER B 126 -4.56 26.77 1.01
C SER B 126 -4.99 27.59 -0.20
N LYS B 127 -4.85 27.04 -1.40
CA LYS B 127 -5.35 27.67 -2.62
C LYS B 127 -6.65 26.93 -2.96
N LEU B 128 -7.76 27.42 -2.39
CA LEU B 128 -9.07 26.79 -2.53
C LEU B 128 -10.11 27.90 -2.55
N GLN B 129 -10.89 27.96 -3.61
CA GLN B 129 -11.96 28.95 -3.69
C GLN B 129 -13.19 28.36 -3.01
N VAL B 130 -13.70 29.02 -1.96
CA VAL B 130 -14.81 28.50 -1.19
C VAL B 130 -16.08 29.28 -1.56
N PHE B 131 -17.07 28.58 -2.09
CA PHE B 131 -18.35 29.16 -2.47
C PHE B 131 -19.38 28.82 -1.40
N ASP B 132 -19.83 29.83 -0.68
CA ASP B 132 -20.80 29.68 0.41
C ASP B 132 -22.21 29.62 -0.19
N ALA B 133 -22.83 28.45 -0.15
CA ALA B 133 -24.17 28.25 -0.67
C ALA B 133 -25.17 27.92 0.43
N ARG B 134 -24.88 28.37 1.65
CA ARG B 134 -25.75 28.01 2.76
C ARG B 134 -27.10 28.73 2.71
N ASP B 135 -27.31 29.64 1.75
CA ASP B 135 -28.61 30.28 1.60
C ASP B 135 -29.53 29.52 0.66
N CYS B 136 -29.04 28.43 0.08
CA CYS B 136 -29.79 27.69 -0.92
C CYS B 136 -30.98 26.98 -0.27
N THR B 137 -32.10 26.91 -1.00
CA THR B 137 -33.30 26.24 -0.50
C THR B 137 -33.92 25.22 -1.44
N THR B 138 -33.64 25.27 -2.74
CA THR B 138 -34.26 24.36 -3.72
C THR B 138 -33.19 23.74 -4.59
N ALA B 139 -33.58 22.69 -5.31
CA ALA B 139 -32.67 22.03 -6.24
C ALA B 139 -32.30 22.94 -7.42
N HIS B 140 -33.23 23.81 -7.84
CA HIS B 140 -32.88 24.82 -8.84
C HIS B 140 -31.74 25.71 -8.36
N GLY B 141 -31.76 26.10 -7.08
CA GLY B 141 -30.66 26.88 -6.55
C GLY B 141 -29.37 26.09 -6.53
N MET B 142 -29.44 24.81 -6.16
CA MET B 142 -28.27 23.95 -6.17
C MET B 142 -27.67 23.88 -7.56
N PHE B 143 -28.52 23.71 -8.58
CA PHE B 143 -28.06 23.65 -9.96
C PHE B 143 -27.38 24.96 -10.36
N ASN B 144 -27.95 26.10 -9.97
CA ASN B 144 -27.29 27.39 -10.23
C ASN B 144 -25.89 27.44 -9.60
N TYR B 145 -25.80 27.13 -8.31
CA TYR B 145 -24.52 27.18 -7.62
C TYR B 145 -23.49 26.25 -8.28
N ILE B 146 -23.95 25.10 -8.79
CA ILE B 146 -23.03 24.10 -9.30
C ILE B 146 -22.54 24.50 -10.69
N CYS B 147 -23.41 25.08 -11.51
CA CYS B 147 -22.98 25.63 -12.79
C CYS B 147 -21.88 26.67 -12.61
N ASN B 148 -22.08 27.59 -11.66
CA ASN B 148 -21.08 28.61 -11.36
C ASN B 148 -19.76 27.99 -10.91
N HIS B 149 -19.84 26.93 -10.11
CA HIS B 149 -18.64 26.20 -9.69
C HIS B 149 -17.92 25.59 -10.89
N VAL B 150 -18.66 24.83 -11.69
CA VAL B 150 -18.06 24.21 -12.88
C VAL B 150 -17.42 25.26 -13.77
N LYS B 151 -18.12 26.38 -14.01
CA LYS B 151 -17.55 27.42 -14.86
C LYS B 151 -16.31 28.02 -14.21
N TYR B 152 -16.37 28.32 -12.91
CA TYR B 152 -15.21 28.93 -12.25
C TYR B 152 -14.02 27.97 -12.23
N ALA B 153 -14.26 26.72 -11.81
CA ALA B 153 -13.16 25.78 -11.62
C ALA B 153 -12.55 25.35 -12.95
N THR B 154 -13.34 25.30 -14.02
CA THR B 154 -12.82 24.86 -15.30
C THR B 154 -11.91 25.92 -15.92
N ASN B 155 -12.37 27.17 -15.96
CA ASN B 155 -11.51 28.31 -16.32
C ASN B 155 -10.81 28.06 -17.67
N LYS B 156 -11.55 27.53 -18.63
CA LYS B 156 -11.08 27.34 -20.00
C LYS B 156 -9.88 26.41 -20.09
N GLY B 157 -9.72 25.54 -19.10
CA GLY B 157 -8.63 24.59 -19.08
C GLY B 157 -7.59 24.86 -18.02
N ASN B 158 -7.53 26.11 -17.51
CA ASN B 158 -6.59 26.48 -16.46
C ASN B 158 -7.28 26.26 -15.11
N LEU B 159 -7.33 25.00 -14.69
CA LEU B 159 -8.25 24.60 -13.63
C LEU B 159 -7.87 25.22 -12.28
N ARG B 160 -8.89 25.49 -11.48
CA ARG B 160 -8.77 26.18 -10.20
C ARG B 160 -9.51 25.38 -9.16
N SER B 161 -8.85 25.08 -8.03
CA SER B 161 -9.51 24.28 -7.00
C SER B 161 -10.67 25.05 -6.37
N ALA B 162 -11.76 24.35 -6.10
CA ALA B 162 -12.96 25.03 -5.59
C ALA B 162 -13.85 24.03 -4.86
N ILE B 163 -14.66 24.57 -3.94
CA ILE B 163 -15.69 23.82 -3.20
C ILE B 163 -16.93 24.70 -3.05
N THR B 164 -18.11 24.09 -3.15
CA THR B 164 -19.38 24.76 -2.94
C THR B 164 -20.10 24.08 -1.79
N ILE B 165 -20.45 24.83 -0.75
CA ILE B 165 -20.97 24.27 0.48
C ILE B 165 -22.44 24.65 0.64
N PHE B 166 -23.31 23.64 0.60
CA PHE B 166 -24.76 23.80 0.73
C PHE B 166 -25.16 23.75 2.21
N PRO B 167 -26.43 24.03 2.54
CA PRO B 167 -26.80 24.13 3.97
C PRO B 167 -26.54 22.84 4.73
N GLN B 168 -26.24 23.00 6.01
CA GLN B 168 -25.80 21.90 6.84
C GLN B 168 -26.99 21.03 7.25
N ARG B 169 -26.68 19.85 7.76
CA ARG B 169 -27.74 18.97 8.24
C ARG B 169 -28.39 19.58 9.47
N THR B 170 -29.72 19.41 9.56
CA THR B 170 -30.49 19.90 10.70
C THR B 170 -30.99 18.69 11.46
N ASP B 171 -32.17 18.15 11.13
CA ASP B 171 -32.72 16.99 11.80
C ASP B 171 -32.44 15.68 11.06
N GLY B 172 -31.74 15.74 9.92
CA GLY B 172 -31.51 14.55 9.12
C GLY B 172 -32.65 14.17 8.19
N LYS B 173 -33.79 14.84 8.29
CA LYS B 173 -34.89 14.65 7.34
C LYS B 173 -34.90 15.68 6.23
N HIS B 174 -34.00 16.66 6.26
CA HIS B 174 -33.99 17.77 5.32
C HIS B 174 -32.61 17.92 4.68
N ASP B 175 -31.94 16.80 4.41
CA ASP B 175 -30.58 16.83 3.89
C ASP B 175 -30.56 17.39 2.48
N PHE B 176 -29.53 18.20 2.20
CA PHE B 176 -29.13 18.54 0.86
C PHE B 176 -28.14 17.49 0.39
N ARG B 177 -28.37 16.91 -0.79
CA ARG B 177 -27.45 15.92 -1.34
C ARG B 177 -27.29 16.11 -2.84
N VAL B 178 -26.07 15.93 -3.31
CA VAL B 178 -25.81 15.71 -4.73
C VAL B 178 -25.79 14.19 -4.91
N TRP B 179 -26.74 13.64 -5.66
CA TRP B 179 -26.81 12.19 -5.81
C TRP B 179 -25.70 11.67 -6.70
N ASN B 180 -25.25 12.47 -7.66
CA ASN B 180 -24.09 12.12 -8.47
C ASN B 180 -22.88 11.87 -7.57
N SER B 181 -22.04 10.94 -7.97
CA SER B 181 -20.81 10.74 -7.19
C SER B 181 -19.74 11.75 -7.58
N GLN B 182 -19.77 12.25 -8.83
CA GLN B 182 -19.02 13.41 -9.25
C GLN B 182 -19.96 14.28 -10.08
N LEU B 183 -19.65 15.58 -10.13
CA LEU B 183 -20.48 16.51 -10.90
C LEU B 183 -20.53 16.12 -12.37
N ILE B 184 -19.41 15.71 -12.92
CA ILE B 184 -19.31 15.25 -14.30
C ILE B 184 -18.86 13.81 -14.27
N ARG B 185 -19.65 12.92 -14.88
CA ARG B 185 -19.34 11.50 -15.02
C ARG B 185 -20.07 10.96 -16.24
N TYR B 186 -19.58 9.83 -16.75
CA TYR B 186 -20.15 9.23 -17.94
C TYR B 186 -21.13 8.13 -17.55
N ALA B 187 -22.21 8.00 -18.32
CA ALA B 187 -23.24 7.00 -18.01
C ALA B 187 -22.74 5.58 -18.27
N GLY B 188 -23.39 4.62 -17.61
CA GLY B 188 -23.15 3.21 -17.88
C GLY B 188 -24.44 2.45 -18.07
N TYR B 189 -24.49 1.55 -19.06
CA TYR B 189 -25.72 0.85 -19.40
C TYR B 189 -25.50 -0.65 -19.43
N LYS B 190 -26.34 -1.40 -18.72
CA LYS B 190 -26.37 -2.85 -18.88
C LYS B 190 -26.91 -3.20 -20.25
N GLN B 191 -26.18 -4.07 -20.96
CA GLN B 191 -26.55 -4.46 -22.31
C GLN B 191 -27.34 -5.77 -22.28
N PRO B 192 -28.13 -6.03 -23.33
CA PRO B 192 -28.91 -7.28 -23.34
C PRO B 192 -28.04 -8.53 -23.31
N ASP B 193 -26.99 -8.59 -24.14
CA ASP B 193 -26.13 -9.76 -24.17
C ASP B 193 -25.39 -9.97 -22.85
N GLY B 194 -25.33 -8.94 -22.00
CA GLY B 194 -24.77 -9.11 -20.67
C GLY B 194 -23.70 -8.11 -20.32
N SER B 195 -23.03 -7.56 -21.34
CA SER B 195 -21.91 -6.64 -21.12
C SER B 195 -22.42 -5.27 -20.67
N THR B 196 -21.53 -4.30 -20.63
CA THR B 196 -21.86 -2.95 -20.18
C THR B 196 -21.34 -1.94 -21.20
N LEU B 197 -22.21 -1.00 -21.58
CA LEU B 197 -21.85 0.12 -22.43
C LEU B 197 -21.59 1.34 -21.56
N GLY B 198 -20.48 2.03 -21.82
CA GLY B 198 -20.11 3.20 -21.04
C GLY B 198 -19.32 2.86 -19.79
N ASP B 199 -19.59 3.58 -18.69
CA ASP B 199 -18.84 3.40 -17.46
C ASP B 199 -19.58 2.48 -16.51
N PRO B 200 -19.07 1.27 -16.23
CA PRO B 200 -19.79 0.37 -15.33
C PRO B 200 -19.93 0.88 -13.91
N ALA B 201 -19.05 1.79 -13.48
CA ALA B 201 -19.15 2.34 -12.12
C ALA B 201 -20.46 3.10 -11.92
N ASN B 202 -21.10 3.55 -12.99
CA ASN B 202 -22.27 4.41 -12.88
C ASN B 202 -23.53 3.75 -13.41
N VAL B 203 -23.53 2.41 -13.54
CA VAL B 203 -24.70 1.71 -14.04
C VAL B 203 -25.91 1.99 -13.16
N GLN B 204 -25.75 1.83 -11.84
CA GLN B 204 -26.91 1.99 -10.95
C GLN B 204 -27.42 3.42 -10.99
N PHE B 205 -26.51 4.40 -10.87
CA PHE B 205 -26.93 5.79 -10.91
C PHE B 205 -27.60 6.12 -12.25
N THR B 206 -27.06 5.59 -13.35
CA THR B 206 -27.68 5.78 -14.65
C THR B 206 -29.11 5.25 -14.67
N GLU B 207 -29.35 4.09 -14.05
CA GLU B 207 -30.71 3.55 -14.07
C GLU B 207 -31.65 4.42 -13.25
N ILE B 208 -31.17 4.98 -12.14
CA ILE B 208 -32.00 5.87 -11.35
C ILE B 208 -32.37 7.11 -12.16
N CYS B 209 -31.40 7.65 -12.92
CA CYS B 209 -31.69 8.80 -13.77
C CYS B 209 -32.70 8.46 -14.85
N ILE B 210 -32.54 7.30 -15.50
CA ILE B 210 -33.50 6.88 -16.52
C ILE B 210 -34.88 6.70 -15.91
N GLN B 211 -34.94 6.01 -14.76
CA GLN B 211 -36.21 5.81 -14.07
C GLN B 211 -36.83 7.15 -13.67
N GLN B 212 -36.01 8.17 -13.44
CA GLN B 212 -36.52 9.47 -13.06
C GLN B 212 -36.90 10.32 -14.27
N GLY B 213 -36.76 9.81 -15.48
CA GLY B 213 -37.19 10.51 -16.68
C GLY B 213 -36.09 10.97 -17.62
N TRP B 214 -34.84 10.62 -17.35
CA TRP B 214 -33.76 11.05 -18.24
C TRP B 214 -33.78 10.20 -19.51
N LYS B 215 -33.77 10.88 -20.66
CA LYS B 215 -33.69 10.20 -21.94
C LYS B 215 -32.22 9.92 -22.25
N PRO B 216 -31.79 8.66 -22.20
CA PRO B 216 -30.38 8.36 -22.37
C PRO B 216 -30.01 8.30 -23.85
N PRO B 217 -28.96 9.00 -24.27
CA PRO B 217 -28.47 8.83 -25.64
C PRO B 217 -27.81 7.46 -25.89
N ARG B 218 -27.49 6.72 -24.83
CA ARG B 218 -26.93 5.37 -24.93
C ARG B 218 -25.67 5.33 -25.78
N GLY B 219 -24.75 6.24 -25.46
CA GLY B 219 -23.42 6.21 -26.03
C GLY B 219 -22.40 5.72 -25.01
N ARG B 220 -21.14 5.74 -25.43
CA ARG B 220 -20.08 5.30 -24.54
C ARG B 220 -19.66 6.39 -23.57
N PHE B 221 -19.85 7.66 -23.94
CA PHE B 221 -19.44 8.79 -23.12
C PHE B 221 -20.56 9.84 -23.06
N ASP B 222 -21.69 9.44 -22.48
CA ASP B 222 -22.80 10.37 -22.25
C ASP B 222 -22.60 11.05 -20.90
N VAL B 223 -22.54 12.39 -20.91
CA VAL B 223 -22.43 13.11 -19.65
C VAL B 223 -23.74 12.99 -18.89
N LEU B 224 -23.67 12.52 -17.63
CA LEU B 224 -24.87 12.30 -16.86
C LEU B 224 -25.52 13.62 -16.43
N PRO B 225 -26.84 13.63 -16.25
CA PRO B 225 -27.49 14.80 -15.65
C PRO B 225 -27.14 14.92 -14.18
N LEU B 226 -27.38 16.11 -13.64
CA LEU B 226 -27.30 16.33 -12.21
C LEU B 226 -28.62 15.90 -11.55
N LEU B 227 -28.53 15.10 -10.49
CA LEU B 227 -29.66 14.67 -9.68
C LEU B 227 -29.49 15.29 -8.30
N LEU B 228 -30.33 16.27 -7.99
CA LEU B 228 -30.06 17.21 -6.90
C LEU B 228 -31.21 17.20 -5.90
N GLN B 229 -30.87 17.09 -4.62
CA GLN B 229 -31.85 16.97 -3.54
C GLN B 229 -31.65 18.12 -2.58
N ALA B 230 -32.69 18.92 -2.38
CA ALA B 230 -32.64 20.07 -1.49
C ALA B 230 -33.63 19.87 -0.36
N ASN B 231 -33.16 20.10 0.87
CA ASN B 231 -34.02 20.11 2.06
C ASN B 231 -34.80 18.80 2.22
N GLY B 232 -34.19 17.66 1.85
CA GLY B 232 -34.84 16.37 2.02
C GLY B 232 -35.94 16.03 1.04
N ASN B 233 -36.21 16.88 0.06
CA ASN B 233 -37.23 16.62 -0.95
C ASN B 233 -36.73 15.60 -1.98
N ASP B 234 -37.64 15.09 -2.80
CA ASP B 234 -37.27 14.24 -3.92
C ASP B 234 -36.22 14.95 -4.78
N PRO B 235 -35.26 14.23 -5.34
CA PRO B 235 -34.25 14.87 -6.17
C PRO B 235 -34.82 15.21 -7.55
N GLU B 236 -34.18 16.19 -8.19
CA GLU B 236 -34.64 16.71 -9.47
C GLU B 236 -33.48 16.70 -10.46
N LEU B 237 -33.81 16.42 -11.72
CA LEU B 237 -32.82 16.27 -12.78
C LEU B 237 -32.53 17.61 -13.45
N PHE B 238 -31.26 17.85 -13.76
CA PHE B 238 -30.81 19.03 -14.49
C PHE B 238 -29.70 18.66 -15.46
N GLN B 239 -29.69 19.30 -16.63
CA GLN B 239 -28.63 19.11 -17.61
C GLN B 239 -27.60 20.23 -17.48
N ILE B 240 -26.34 19.86 -17.24
CA ILE B 240 -25.29 20.88 -17.25
C ILE B 240 -25.18 21.45 -18.65
N PRO B 241 -25.16 22.77 -18.84
CA PRO B 241 -24.97 23.33 -20.18
C PRO B 241 -23.72 22.77 -20.80
N PRO B 242 -23.81 22.20 -22.01
CA PRO B 242 -22.66 21.47 -22.57
C PRO B 242 -21.43 22.35 -22.77
N GLU B 243 -21.60 23.65 -23.04
CA GLU B 243 -20.44 24.52 -23.14
C GLU B 243 -19.66 24.61 -21.83
N LEU B 244 -20.24 24.19 -20.71
CA LEU B 244 -19.51 24.18 -19.45
C LEU B 244 -18.71 22.89 -19.24
N VAL B 245 -18.90 21.86 -20.06
CA VAL B 245 -18.29 20.55 -19.81
C VAL B 245 -17.08 20.44 -20.72
N LEU B 246 -15.89 20.63 -20.16
CA LEU B 246 -14.67 20.59 -20.95
C LEU B 246 -14.18 19.14 -21.05
N GLU B 247 -13.91 18.70 -22.28
CA GLU B 247 -13.48 17.32 -22.52
C GLU B 247 -12.22 17.31 -23.37
N VAL B 248 -11.48 16.20 -23.28
CA VAL B 248 -10.24 16.01 -24.00
C VAL B 248 -10.33 14.73 -24.82
N PRO B 249 -10.21 14.78 -26.14
CA PRO B 249 -9.99 13.55 -26.91
C PRO B 249 -8.63 12.99 -26.60
N ILE B 250 -8.54 11.67 -26.42
CA ILE B 250 -7.28 11.03 -26.06
C ILE B 250 -6.61 10.54 -27.34
N ARG B 251 -5.40 11.04 -27.59
CA ARG B 251 -4.54 10.51 -28.64
C ARG B 251 -3.13 10.31 -28.09
N HIS B 252 -2.30 9.66 -28.88
CA HIS B 252 -0.97 9.22 -28.48
C HIS B 252 0.10 9.92 -29.31
N PRO B 253 1.20 10.37 -28.69
CA PRO B 253 2.23 11.11 -29.45
C PRO B 253 2.93 10.30 -30.53
N LYS B 254 2.95 8.97 -30.45
CA LYS B 254 3.61 8.16 -31.48
C LYS B 254 2.66 7.23 -32.23
N PHE B 255 1.68 6.66 -31.53
CA PHE B 255 0.75 5.72 -32.15
C PHE B 255 -0.40 6.52 -32.76
N GLU B 256 -0.42 6.59 -34.09
CA GLU B 256 -1.48 7.36 -34.73
C GLU B 256 -2.81 6.62 -34.79
N TRP B 257 -2.81 5.30 -34.56
CA TRP B 257 -4.06 4.56 -34.47
C TRP B 257 -4.80 4.79 -33.16
N PHE B 258 -4.15 5.40 -32.18
CA PHE B 258 -4.73 5.49 -30.84
C PHE B 258 -6.02 6.32 -30.85
N LYS B 259 -6.03 7.41 -31.61
CA LYS B 259 -7.22 8.26 -31.66
C LYS B 259 -8.42 7.49 -32.21
N ASP B 260 -8.18 6.46 -33.03
CA ASP B 260 -9.26 5.67 -33.60
C ASP B 260 -9.98 4.82 -32.57
N LEU B 261 -9.47 4.73 -31.34
CA LEU B 261 -10.17 4.05 -30.26
C LEU B 261 -11.39 4.84 -29.77
N GLY B 262 -11.53 6.10 -30.15
CA GLY B 262 -12.67 6.90 -29.74
C GLY B 262 -12.70 7.26 -28.28
N LEU B 263 -11.56 7.31 -27.60
CA LEU B 263 -11.53 7.61 -26.18
C LEU B 263 -11.55 9.12 -25.93
N LYS B 264 -12.19 9.50 -24.84
CA LYS B 264 -12.18 10.88 -24.37
C LYS B 264 -12.36 10.84 -22.86
N TRP B 265 -12.12 11.98 -22.22
CA TRP B 265 -12.44 12.11 -20.81
C TRP B 265 -12.73 13.58 -20.51
N TYR B 266 -13.34 13.80 -19.34
CA TYR B 266 -13.64 15.16 -18.94
C TYR B 266 -12.46 15.75 -18.15
N GLY B 267 -12.32 17.07 -18.23
CA GLY B 267 -11.19 17.71 -17.60
C GLY B 267 -11.32 17.92 -16.11
N LEU B 268 -12.54 17.97 -15.60
CA LEU B 268 -12.78 18.46 -14.24
C LEU B 268 -13.21 17.34 -13.29
N PRO B 269 -12.34 16.88 -12.38
CA PRO B 269 -12.75 15.89 -11.37
C PRO B 269 -13.36 16.60 -10.17
N ALA B 270 -14.63 16.29 -9.89
CA ALA B 270 -15.39 17.08 -8.91
C ALA B 270 -16.21 16.13 -8.05
N VAL B 271 -15.61 15.64 -6.97
CA VAL B 271 -16.29 14.69 -6.11
C VAL B 271 -17.42 15.36 -5.36
N SER B 272 -18.61 14.77 -5.44
CA SER B 272 -19.82 15.40 -4.95
C SER B 272 -20.58 14.55 -3.93
N ASN B 273 -20.04 13.40 -3.53
CA ASN B 273 -20.81 12.53 -2.64
C ASN B 273 -20.25 12.43 -1.23
N MET B 274 -19.30 13.28 -0.85
CA MET B 274 -18.76 13.18 0.50
C MET B 274 -19.41 14.19 1.43
N LEU B 275 -19.12 14.02 2.71
CA LEU B 275 -19.66 14.89 3.76
C LEU B 275 -18.52 15.66 4.41
N LEU B 276 -18.75 16.96 4.63
CA LEU B 276 -17.75 17.84 5.21
C LEU B 276 -18.17 18.18 6.63
N GLU B 277 -17.33 17.84 7.60
CA GLU B 277 -17.59 18.08 9.01
C GLU B 277 -16.70 19.20 9.50
N ILE B 278 -17.32 20.26 10.02
CA ILE B 278 -16.60 21.42 10.58
C ILE B 278 -17.25 21.76 11.91
N GLY B 279 -16.47 21.65 12.99
CA GLY B 279 -16.94 22.05 14.31
C GLY B 279 -18.20 21.35 14.75
N GLY B 280 -18.37 20.09 14.37
CA GLY B 280 -19.55 19.35 14.72
C GLY B 280 -20.71 19.51 13.77
N LEU B 281 -20.64 20.45 12.83
CA LEU B 281 -21.68 20.62 11.82
C LEU B 281 -21.40 19.73 10.63
N GLU B 282 -22.47 19.19 10.02
CA GLU B 282 -22.36 18.24 8.92
C GLU B 282 -22.91 18.85 7.63
N PHE B 283 -22.04 19.02 6.64
CA PHE B 283 -22.41 19.55 5.33
C PHE B 283 -22.47 18.40 4.33
N SER B 284 -23.68 17.84 4.16
CA SER B 284 -23.89 16.63 3.39
C SER B 284 -23.79 16.84 1.89
N ALA B 285 -23.80 18.09 1.41
CA ALA B 285 -23.63 18.41 0.00
C ALA B 285 -22.51 19.42 -0.10
N CYS B 286 -21.37 19.00 -0.63
CA CYS B 286 -20.22 19.90 -0.64
C CYS B 286 -19.29 19.59 -1.81
N PRO B 287 -19.77 19.62 -3.04
CA PRO B 287 -18.92 19.18 -4.16
C PRO B 287 -17.62 19.96 -4.23
N PHE B 288 -16.51 19.24 -4.42
CA PHE B 288 -15.20 19.88 -4.46
C PHE B 288 -14.39 19.33 -5.63
N SER B 289 -13.57 20.20 -6.21
CA SER B 289 -12.87 19.88 -7.45
C SER B 289 -11.48 20.45 -7.40
N GLY B 290 -10.57 19.77 -8.08
CA GLY B 290 -9.23 20.25 -8.32
C GLY B 290 -8.86 19.97 -9.77
N TRP B 291 -7.79 19.22 -9.97
CA TRP B 291 -7.44 18.75 -11.30
C TRP B 291 -6.89 17.33 -11.18
N TYR B 292 -6.82 16.65 -12.32
CA TYR B 292 -6.53 15.22 -12.36
C TYR B 292 -5.03 14.93 -12.23
N MET B 293 -4.73 13.83 -11.54
CA MET B 293 -3.48 13.12 -11.74
C MET B 293 -3.71 12.06 -12.82
N GLY B 294 -2.80 12.01 -13.79
CA GLY B 294 -3.02 11.21 -15.00
C GLY B 294 -3.47 9.78 -14.73
N THR B 295 -2.92 9.14 -13.70
CA THR B 295 -3.24 7.74 -13.42
C THR B 295 -4.67 7.55 -12.95
N GLU B 296 -5.32 8.59 -12.41
CA GLU B 296 -6.72 8.44 -12.08
C GLU B 296 -7.53 8.05 -13.31
N ILE B 297 -7.22 8.67 -14.45
CA ILE B 297 -7.87 8.33 -15.71
C ILE B 297 -7.22 7.10 -16.35
N GLY B 298 -5.89 7.16 -16.55
CA GLY B 298 -5.22 6.21 -17.42
C GLY B 298 -5.04 4.83 -16.82
N VAL B 299 -5.01 4.73 -15.49
CA VAL B 299 -4.87 3.44 -14.83
C VAL B 299 -6.21 2.93 -14.33
N ARG B 300 -6.91 3.73 -13.51
CA ARG B 300 -8.08 3.20 -12.82
C ARG B 300 -9.32 3.30 -13.70
N ASP B 301 -9.65 4.51 -14.17
CA ASP B 301 -10.86 4.72 -14.97
C ASP B 301 -10.84 3.92 -16.27
N TYR B 302 -9.67 3.78 -16.89
CA TYR B 302 -9.62 3.08 -18.17
C TYR B 302 -9.29 1.59 -18.05
N CYS B 303 -8.54 1.20 -17.01
CA CYS B 303 -7.98 -0.14 -16.96
C CYS B 303 -8.41 -1.02 -15.78
N ASP B 304 -9.17 -0.49 -14.82
CA ASP B 304 -9.81 -1.39 -13.87
C ASP B 304 -10.68 -2.37 -14.65
N ASN B 305 -10.59 -3.66 -14.27
CA ASN B 305 -11.43 -4.65 -14.92
C ASN B 305 -12.91 -4.28 -14.86
N SER B 306 -13.33 -3.62 -13.78
CA SER B 306 -14.73 -3.26 -13.60
C SER B 306 -15.01 -1.79 -13.97
N ARG B 307 -14.09 -1.13 -14.65
CA ARG B 307 -14.33 0.19 -15.24
C ARG B 307 -14.35 0.04 -16.76
N TYR B 308 -13.68 0.90 -17.53
CA TYR B 308 -13.75 0.81 -18.99
C TYR B 308 -12.97 -0.36 -19.56
N ASN B 309 -11.98 -0.88 -18.83
CA ASN B 309 -11.38 -2.19 -19.09
C ASN B 309 -10.86 -2.31 -20.54
N ILE B 310 -9.95 -1.38 -20.90
CA ILE B 310 -9.54 -1.22 -22.30
C ILE B 310 -8.19 -1.83 -22.60
N LEU B 311 -7.52 -2.47 -21.63
CA LEU B 311 -6.17 -2.98 -21.84
C LEU B 311 -6.11 -3.94 -23.03
N GLU B 312 -7.11 -4.82 -23.14
CA GLU B 312 -7.12 -5.77 -24.25
C GLU B 312 -7.11 -5.07 -25.60
N GLU B 313 -7.99 -4.06 -25.77
CA GLU B 313 -8.06 -3.39 -27.06
C GLU B 313 -6.71 -2.77 -27.42
N VAL B 314 -6.08 -2.08 -26.47
CA VAL B 314 -4.84 -1.37 -26.75
C VAL B 314 -3.71 -2.33 -27.08
N ALA B 315 -3.54 -3.38 -26.24
CA ALA B 315 -2.50 -4.36 -26.50
C ALA B 315 -2.70 -5.06 -27.83
N LYS B 316 -3.96 -5.15 -28.29
CA LYS B 316 -4.23 -5.72 -29.61
C LYS B 316 -3.69 -4.83 -30.72
N LYS B 317 -3.89 -3.52 -30.60
CA LYS B 317 -3.37 -2.61 -31.61
C LYS B 317 -1.85 -2.47 -31.50
N MET B 318 -1.30 -2.67 -30.31
CA MET B 318 0.15 -2.75 -30.15
C MET B 318 0.73 -4.07 -30.59
N ASN B 319 -0.11 -5.03 -30.98
CA ASN B 319 0.30 -6.33 -31.49
C ASN B 319 1.18 -7.08 -30.48
N LEU B 320 0.83 -6.97 -29.20
CA LEU B 320 1.58 -7.65 -28.16
C LEU B 320 1.13 -9.10 -28.04
N ASP B 321 2.06 -9.95 -27.59
CA ASP B 321 1.73 -11.34 -27.31
C ASP B 321 0.93 -11.40 -26.02
N MET B 322 -0.38 -11.63 -26.14
CA MET B 322 -1.28 -11.66 -24.99
C MET B 322 -1.53 -13.07 -24.46
N ARG B 323 -0.76 -14.06 -24.91
CA ARG B 323 -1.01 -15.45 -24.53
C ARG B 323 -0.51 -15.81 -23.14
N LYS B 324 0.41 -15.04 -22.57
CA LYS B 324 0.98 -15.37 -21.26
C LYS B 324 1.14 -14.09 -20.43
N THR B 325 0.89 -14.20 -19.12
CA THR B 325 1.02 -13.03 -18.26
C THR B 325 2.46 -12.52 -18.21
N SER B 326 3.43 -13.43 -18.23
CA SER B 326 4.81 -13.02 -18.01
C SER B 326 5.40 -12.24 -19.19
N SER B 327 4.69 -12.12 -20.31
CA SER B 327 5.09 -11.16 -21.33
C SER B 327 4.85 -9.72 -20.90
N LEU B 328 4.12 -9.52 -19.79
CA LEU B 328 3.80 -8.20 -19.26
C LEU B 328 3.09 -7.32 -20.28
N TRP B 329 2.31 -7.94 -21.18
CA TRP B 329 1.56 -7.17 -22.16
C TRP B 329 0.64 -6.16 -21.47
N LYS B 330 0.04 -6.54 -20.34
CA LYS B 330 -0.81 -5.59 -19.64
C LYS B 330 -0.02 -4.39 -19.17
N ASP B 331 1.19 -4.60 -18.65
CA ASP B 331 2.00 -3.51 -18.12
C ASP B 331 2.44 -2.57 -19.24
N GLN B 332 2.78 -3.12 -20.40
CA GLN B 332 3.20 -2.29 -21.52
C GLN B 332 2.08 -1.40 -22.00
N ALA B 333 0.90 -1.98 -22.25
CA ALA B 333 -0.24 -1.20 -22.72
C ALA B 333 -0.67 -0.18 -21.67
N LEU B 334 -0.51 -0.52 -20.39
CA LEU B 334 -0.85 0.43 -19.34
C LEU B 334 -0.01 1.69 -19.44
N VAL B 335 1.31 1.55 -19.65
CA VAL B 335 2.17 2.72 -19.74
C VAL B 335 1.80 3.56 -20.96
N GLU B 336 1.53 2.92 -22.09
CA GLU B 336 1.23 3.67 -23.31
C GLU B 336 -0.07 4.43 -23.17
N ILE B 337 -1.06 3.85 -22.47
CA ILE B 337 -2.32 4.54 -22.25
C ILE B 337 -2.10 5.78 -21.38
N ASN B 338 -1.23 5.66 -20.39
CA ASN B 338 -1.01 6.80 -19.50
C ASN B 338 -0.15 7.86 -20.17
N ILE B 339 0.66 7.48 -21.15
CA ILE B 339 1.34 8.49 -21.97
C ILE B 339 0.31 9.28 -22.76
N ALA B 340 -0.65 8.59 -23.37
CA ALA B 340 -1.64 9.26 -24.22
C ALA B 340 -2.47 10.26 -23.41
N VAL B 341 -2.93 9.88 -22.23
CA VAL B 341 -3.74 10.77 -21.39
C VAL B 341 -2.99 12.06 -21.11
N LEU B 342 -1.76 11.94 -20.59
CA LEU B 342 -0.96 13.12 -20.26
C LEU B 342 -0.69 13.96 -21.49
N TYR B 343 -0.28 13.31 -22.58
CA TYR B 343 -0.04 14.00 -23.84
C TYR B 343 -1.29 14.76 -24.31
N SER B 344 -2.47 14.18 -24.13
CA SER B 344 -3.69 14.78 -24.65
C SER B 344 -4.09 16.01 -23.85
N PHE B 345 -4.10 15.90 -22.52
CA PHE B 345 -4.43 17.04 -21.68
C PHE B 345 -3.43 18.18 -21.88
N GLN B 346 -2.14 17.85 -21.96
CA GLN B 346 -1.13 18.89 -22.13
C GLN B 346 -1.28 19.58 -23.47
N SER B 347 -1.52 18.81 -24.53
CA SER B 347 -1.67 19.41 -25.85
C SER B 347 -2.88 20.34 -25.92
N ASP B 348 -3.91 20.06 -25.13
CA ASP B 348 -5.10 20.90 -25.11
C ASP B 348 -5.06 21.95 -24.00
N LYS B 349 -3.94 22.08 -23.31
CA LYS B 349 -3.78 23.08 -22.26
C LYS B 349 -4.85 22.92 -21.18
N VAL B 350 -5.10 21.67 -20.80
CA VAL B 350 -5.95 21.35 -19.66
C VAL B 350 -5.05 20.87 -18.54
N THR B 351 -5.18 21.50 -17.38
CA THR B 351 -4.33 21.17 -16.24
C THR B 351 -4.38 19.69 -15.92
N ILE B 352 -3.20 19.08 -15.77
CA ILE B 352 -3.09 17.69 -15.35
C ILE B 352 -1.70 17.54 -14.74
N VAL B 353 -1.54 16.56 -13.85
CA VAL B 353 -0.24 16.32 -13.23
C VAL B 353 0.07 14.84 -13.36
N ASP B 354 1.31 14.53 -13.72
CA ASP B 354 1.72 13.12 -13.76
C ASP B 354 2.05 12.65 -12.34
N HIS B 355 2.08 11.31 -12.17
CA HIS B 355 2.28 10.75 -10.83
C HIS B 355 3.69 10.97 -10.30
N HIS B 356 4.69 11.13 -11.17
CA HIS B 356 6.02 11.48 -10.70
C HIS B 356 6.03 12.87 -10.09
N SER B 357 5.49 13.85 -10.81
CA SER B 357 5.49 15.20 -10.27
C SER B 357 4.62 15.29 -9.02
N ALA B 358 3.45 14.65 -9.05
CA ALA B 358 2.52 14.78 -7.92
C ALA B 358 3.13 14.22 -6.63
N THR B 359 3.73 13.01 -6.71
CA THR B 359 4.31 12.41 -5.52
C THR B 359 5.54 13.16 -5.04
N GLU B 360 6.32 13.74 -5.97
CA GLU B 360 7.42 14.60 -5.55
C GLU B 360 6.91 15.82 -4.80
N SER B 361 5.84 16.45 -5.31
CA SER B 361 5.23 17.57 -4.60
CA SER B 361 5.24 17.57 -4.60
C SER B 361 4.74 17.14 -3.22
N PHE B 362 4.24 15.91 -3.09
CA PHE B 362 3.70 15.51 -1.81
C PHE B 362 4.80 15.29 -0.77
N ILE B 363 5.94 14.72 -1.18
CA ILE B 363 7.07 14.63 -0.26
C ILE B 363 7.48 16.01 0.22
N LYS B 364 7.54 16.98 -0.70
CA LYS B 364 7.84 18.35 -0.32
C LYS B 364 6.78 18.92 0.62
N HIS B 365 5.52 18.66 0.32
CA HIS B 365 4.43 19.08 1.21
C HIS B 365 4.59 18.50 2.61
N MET B 366 4.87 17.18 2.70
CA MET B 366 5.11 16.55 3.99
C MET B 366 6.19 17.29 4.77
N GLU B 367 7.32 17.60 4.12
CA GLU B 367 8.39 18.35 4.78
CA GLU B 367 8.38 18.33 4.80
C GLU B 367 7.87 19.68 5.31
N ASN B 368 7.08 20.41 4.52
CA ASN B 368 6.52 21.67 4.98
C ASN B 368 5.67 21.45 6.23
N GLU B 369 4.76 20.48 6.17
CA GLU B 369 3.80 20.26 7.25
C GLU B 369 4.49 19.79 8.53
N TYR B 370 5.48 18.93 8.40
CA TYR B 370 6.20 18.54 9.61
C TYR B 370 6.90 19.74 10.24
N ARG B 371 7.47 20.62 9.42
CA ARG B 371 8.12 21.81 9.93
C ARG B 371 7.14 22.76 10.60
N CYS B 372 6.06 23.11 9.91
CA CYS B 372 5.24 24.20 10.41
C CYS B 372 4.09 23.72 11.28
N ARG B 373 3.74 22.44 11.21
CA ARG B 373 2.56 21.91 11.87
C ARG B 373 2.85 20.74 12.81
N GLY B 374 4.04 20.13 12.73
CA GLY B 374 4.36 18.99 13.56
C GLY B 374 3.93 17.66 12.98
N GLY B 375 3.45 17.61 11.75
CA GLY B 375 3.13 16.33 11.15
C GLY B 375 2.22 16.51 9.95
N CYS B 376 1.88 15.37 9.37
CA CYS B 376 1.00 15.30 8.21
C CYS B 376 0.39 13.91 8.15
N PRO B 377 -0.90 13.76 8.45
CA PRO B 377 -1.56 12.45 8.30
C PRO B 377 -1.59 12.04 6.84
N ALA B 378 -1.22 10.79 6.58
CA ALA B 378 -1.09 10.34 5.20
C ALA B 378 -1.32 8.84 5.14
N ASP B 379 -2.12 8.41 4.16
CA ASP B 379 -2.55 7.04 3.98
C ASP B 379 -1.75 6.45 2.84
N TRP B 380 -0.65 5.75 3.18
CA TRP B 380 0.24 5.17 2.18
C TRP B 380 -0.52 4.38 1.13
N VAL B 381 -1.50 3.59 1.58
CA VAL B 381 -2.28 2.74 0.68
C VAL B 381 -2.90 3.56 -0.45
N TRP B 382 -3.34 4.78 -0.16
CA TRP B 382 -3.95 5.63 -1.17
C TRP B 382 -2.95 6.60 -1.81
N ILE B 383 -1.92 7.04 -1.08
CA ILE B 383 -0.98 8.03 -1.60
C ILE B 383 -0.12 7.45 -2.72
N VAL B 384 0.32 6.20 -2.58
CA VAL B 384 1.17 5.58 -3.61
C VAL B 384 0.35 5.36 -4.87
N PRO B 385 0.83 5.77 -6.03
CA PRO B 385 0.01 5.72 -7.25
C PRO B 385 -0.25 4.28 -7.69
N PRO B 386 -1.30 4.08 -8.49
CA PRO B 386 -1.71 2.72 -8.88
C PRO B 386 -0.83 2.06 -9.94
N MET B 387 0.19 2.75 -10.47
CA MET B 387 1.23 2.11 -11.27
C MET B 387 2.58 2.64 -10.83
N SER B 388 3.63 1.88 -11.17
CA SER B 388 5.01 2.34 -11.00
C SER B 388 5.30 2.76 -9.57
N GLY B 389 4.67 2.11 -8.60
CA GLY B 389 4.79 2.44 -7.19
C GLY B 389 6.18 2.79 -6.68
N SER B 390 7.13 1.86 -6.77
CA SER B 390 8.40 2.07 -6.10
C SER B 390 9.35 2.99 -6.85
N ILE B 391 9.02 3.41 -8.07
CA ILE B 391 9.85 4.42 -8.72
C ILE B 391 9.32 5.84 -8.46
N THR B 392 8.32 5.96 -7.59
CA THR B 392 7.91 7.25 -7.06
C THR B 392 8.40 7.38 -5.63
N PRO B 393 8.69 8.61 -5.17
CA PRO B 393 9.31 8.77 -3.84
C PRO B 393 8.40 8.43 -2.67
N VAL B 394 7.07 8.46 -2.83
CA VAL B 394 6.22 8.15 -1.69
C VAL B 394 6.33 6.68 -1.30
N PHE B 395 6.69 5.79 -2.24
CA PHE B 395 6.74 4.36 -1.92
C PHE B 395 7.67 4.10 -0.75
N HIS B 396 8.77 4.83 -0.67
CA HIS B 396 9.81 4.66 0.32
C HIS B 396 9.64 5.57 1.53
N GLN B 397 8.54 6.31 1.60
CA GLN B 397 8.29 7.25 2.68
C GLN B 397 7.36 6.61 3.68
N GLU B 398 7.82 6.44 4.92
CA GLU B 398 6.93 6.02 6.00
C GLU B 398 5.94 7.13 6.31
N MET B 399 4.68 6.76 6.50
CA MET B 399 3.63 7.71 6.78
C MET B 399 2.89 7.28 8.04
N LEU B 400 2.37 8.26 8.77
CA LEU B 400 1.49 8.02 9.89
C LEU B 400 0.10 8.47 9.47
N ASN B 401 -0.88 7.62 9.66
CA ASN B 401 -2.26 7.97 9.31
C ASN B 401 -3.06 8.16 10.59
N TYR B 402 -3.76 9.29 10.66
CA TYR B 402 -4.59 9.59 11.82
C TYR B 402 -5.59 10.64 11.38
N ARG B 403 -6.65 10.78 12.14
CA ARG B 403 -7.84 11.49 11.68
C ARG B 403 -7.96 12.81 12.43
N LEU B 404 -7.78 13.92 11.71
CA LEU B 404 -7.95 15.25 12.26
C LEU B 404 -9.25 15.83 11.74
N THR B 405 -9.81 16.76 12.50
CA THR B 405 -11.00 17.44 12.05
C THR B 405 -10.74 18.94 11.99
N PRO B 406 -11.38 19.69 11.07
CA PRO B 406 -12.37 19.39 10.03
C PRO B 406 -11.98 18.27 9.07
N SER B 407 -12.95 17.54 8.55
CA SER B 407 -12.60 16.45 7.66
C SER B 407 -13.69 16.22 6.62
N PHE B 408 -13.29 15.54 5.56
CA PHE B 408 -14.21 14.96 4.61
C PHE B 408 -14.44 13.50 4.99
N GLU B 409 -15.70 13.08 5.00
CA GLU B 409 -16.09 11.74 5.42
C GLU B 409 -16.94 11.08 4.35
N TYR B 410 -16.99 9.75 4.39
CA TYR B 410 -17.95 9.04 3.57
C TYR B 410 -19.33 9.10 4.21
N GLN B 411 -20.36 8.96 3.38
CA GLN B 411 -21.73 8.94 3.84
C GLN B 411 -22.51 7.96 2.97
N PRO B 412 -23.67 7.49 3.43
CA PRO B 412 -24.41 6.51 2.64
C PRO B 412 -24.92 7.10 1.34
N ASP B 413 -24.99 6.27 0.31
CA ASP B 413 -25.63 6.65 -0.93
C ASP B 413 -27.07 7.08 -0.66
N PRO B 414 -27.51 8.21 -1.21
CA PRO B 414 -28.83 8.75 -0.85
C PRO B 414 -29.99 7.81 -1.17
N TRP B 415 -29.87 7.02 -2.24
CA TRP B 415 -30.98 6.15 -2.61
C TRP B 415 -31.15 4.97 -1.67
N ASN B 416 -30.24 4.76 -0.73
CA ASN B 416 -30.41 3.71 0.27
C ASN B 416 -31.15 4.19 1.52
N THR B 417 -31.40 5.49 1.64
CA THR B 417 -32.05 6.06 2.80
C THR B 417 -33.32 6.83 2.47
N HIS B 418 -33.44 7.33 1.24
CA HIS B 418 -34.46 8.33 0.94
C HIS B 418 -35.84 7.70 0.85
N VAL B 419 -36.77 8.23 1.64
CA VAL B 419 -38.17 7.87 1.55
C VAL B 419 -38.77 8.76 0.47
N TRP B 420 -39.03 8.19 -0.70
CA TRP B 420 -39.53 8.92 -1.86
C TRP B 420 -40.90 9.54 -1.57
N LYS B 421 -40.94 10.86 -1.47
CA LYS B 421 -42.16 11.56 -1.12
C LYS B 421 -43.18 11.47 -2.25
CHA HEM C . 8.48 -11.68 1.82
CHB HEM C . 7.57 -13.99 -2.30
CHC HEM C . 8.91 -18.12 -0.16
CHD HEM C . 8.85 -15.93 4.15
C1A HEM C . 8.25 -11.94 0.49
C2A HEM C . 8.19 -10.96 -0.58
C3A HEM C . 7.95 -11.61 -1.72
C4A HEM C . 7.82 -13.01 -1.40
CMA HEM C . 7.80 -11.03 -3.14
CAA HEM C . 8.42 -9.45 -0.44
CBA HEM C . 9.95 -9.37 -0.34
CGA HEM C . 10.52 -7.99 -0.53
O1A HEM C . 9.81 -7.06 -1.03
O2A HEM C . 11.72 -7.83 -0.19
C1B HEM C . 7.88 -15.30 -2.06
C2B HEM C . 7.82 -16.32 -3.07
C3B HEM C . 8.18 -17.47 -2.50
C4B HEM C . 8.48 -17.20 -1.10
CMB HEM C . 7.41 -16.10 -4.54
CAB HEM C . 8.24 -18.81 -3.27
CBB HEM C . 8.36 -19.97 -2.63
C1C HEM C . 9.04 -17.89 1.19
C2C HEM C . 9.47 -18.84 2.18
C3C HEM C . 9.47 -18.21 3.37
C4C HEM C . 9.01 -16.87 3.16
CMC HEM C . 9.90 -20.29 1.86
CAC HEM C . 9.79 -18.71 4.80
CBC HEM C . 9.68 -20.02 5.11
C1D HEM C . 8.78 -14.57 3.88
C2D HEM C . 8.88 -13.52 4.86
C3D HEM C . 8.76 -12.35 4.22
C4D HEM C . 8.60 -12.62 2.81
CMD HEM C . 9.06 -13.69 6.38
CAD HEM C . 8.83 -10.96 4.88
CBD HEM C . 10.31 -10.57 4.89
CGD HEM C . 10.56 -9.23 5.55
O1D HEM C . 9.65 -8.68 6.23
O2D HEM C . 11.70 -8.72 5.41
NA HEM C . 8.01 -13.18 -0.04
NB HEM C . 8.28 -15.85 -0.86
NC HEM C . 8.78 -16.69 1.82
ND HEM C . 8.60 -14.01 2.64
FE HEM C . 8.02 -14.98 0.96
N1 H4B D . 6.75 -3.91 -0.02
C2 H4B D . 7.63 -4.90 -0.27
N2 H4B D . 7.19 -6.06 -0.79
N3 H4B D . 8.94 -4.72 0.00
C4 H4B D . 9.41 -3.57 0.50
O4 H4B D . 10.62 -3.43 0.74
C4A H4B D . 8.53 -2.53 0.77
C8A H4B D . 7.17 -2.74 0.48
N5 H4B D . 8.96 -1.36 1.28
N8 H4B D . 6.27 -1.77 0.73
C6 H4B D . 7.95 -0.60 2.02
C7 H4B D . 6.71 -0.44 1.17
C9 H4B D . 8.45 0.78 2.45
O9 H4B D . 9.00 1.46 1.32
C10 H4B D . 7.32 1.66 2.99
C11 H4B D . 7.87 3.01 3.46
O10 H4B D . 6.62 1.03 4.06
C10 OUM E . 11.96 -13.02 -0.50
C22 OUM E . 12.13 -9.25 2.50
C24 OUM E . 13.96 -7.64 2.48
C23 OUM E . 12.67 -8.01 2.87
C25 OUM E . 14.72 -8.50 1.72
C02 OUM E . 11.38 -14.49 -2.22
C03 OUM E . 11.42 -15.58 -1.34
C04 OUM E . 11.72 -15.35 -0.02
C05 OUM E . 11.99 -14.06 0.41
C06 OUM E . 12.29 -13.83 1.73
C07 OUM E . 12.54 -12.52 2.12
C08 OUM E . 12.51 -11.45 1.22
C09 OUM E . 12.23 -11.72 -0.10
C11 OUM E . 11.79 -16.46 0.99
C21 OUM E . 12.89 -10.10 1.71
C26 OUM E . 14.17 -9.72 1.34
C27 OUM E . 16.11 -8.10 1.28
C30 OUM E . 13.80 -5.20 2.70
C31 OUM E . 14.72 -4.03 3.00
C32 OUM E . 15.57 -4.07 4.11
C33 OUM E . 16.41 -2.99 4.37
C34 OUM E . 16.41 -1.89 3.55
C35 OUM E . 15.56 -1.85 2.43
C36 OUM E . 14.73 -2.92 2.17
C37 OUM E . 17.18 -0.90 3.78
N01 OUM E . 11.67 -13.26 -1.78
N02 OUM E . 11.09 -14.65 -3.52
N28 OUM E . 17.09 -9.15 1.64
N38 OUM E . 17.91 -0.01 3.94
O29 OUM E . 14.50 -6.42 2.85
ZN ZN F . -3.16 0.22 11.24
CHA HEM G . -8.17 11.92 -3.07
CHB HEM G . -5.23 14.18 -6.16
CHC HEM G . -7.51 18.30 -5.00
CHD HEM G . -9.82 16.16 -1.33
C1A HEM G . -7.27 12.14 -4.09
C2A HEM G . -6.67 11.14 -4.97
C3A HEM G . -5.86 11.77 -5.82
C4A HEM G . -5.91 13.19 -5.52
CMA HEM G . -5.01 11.10 -6.93
CAA HEM G . -6.93 9.62 -4.95
CBA HEM G . -8.39 9.48 -5.42
CGA HEM G . -8.74 8.15 -6.01
O1A HEM G . -7.84 7.29 -6.17
O2A HEM G . -9.95 7.95 -6.34
C1B HEM G . -5.63 15.50 -6.15
C2B HEM G . -5.11 16.53 -7.00
C3B HEM G . -5.72 17.67 -6.68
C4B HEM G . -6.66 17.40 -5.60
CMB HEM G . -4.03 16.35 -8.09
CAB HEM G . -5.45 19.02 -7.39
CBB HEM G . -5.85 20.19 -6.91
C1C HEM G . -8.36 18.10 -3.92
C2C HEM G . -9.29 19.08 -3.36
C3C HEM G . -9.94 18.48 -2.34
C4C HEM G . -9.43 17.12 -2.23
CMC HEM G . -9.47 20.52 -3.89
CAC HEM G . -11.01 19.05 -1.37
CBC HEM G . -11.18 20.37 -1.16
C1D HEM G . -9.59 14.82 -1.50
C2D HEM G . -10.13 13.76 -0.67
C3D HEM G . -9.68 12.60 -1.14
C4D HEM G . -8.83 12.86 -2.29
CMD HEM G . -11.08 13.94 0.53
CAD HEM G . -10.04 11.22 -0.54
CBD HEM G . -11.20 10.65 -1.34
CGD HEM G . -11.74 9.40 -0.71
O1D HEM G . -11.45 9.13 0.49
O2D HEM G . -12.48 8.68 -1.41
NA HEM G . -6.77 13.38 -4.46
NB HEM G . -6.57 16.05 -5.30
NC HEM G . -8.50 16.93 -3.22
ND HEM G . -8.79 14.23 -2.48
FE HEM G . -7.39 15.19 -3.60
N1 H4B H . -5.65 4.06 -3.61
C2 H4B H . -6.26 5.06 -4.27
N2 H4B H . -5.56 6.18 -4.52
N3 H4B H . -7.54 4.93 -4.71
C4 H4B H . -8.23 3.80 -4.47
O4 H4B H . -9.43 3.69 -4.85
C4A H4B H . -7.61 2.78 -3.77
C8A H4B H . -6.31 2.92 -3.35
N5 H4B H . -8.27 1.64 -3.50
N8 H4B H . -5.68 1.93 -2.67
C6 H4B H . -7.84 0.89 -2.34
C7 H4B H . -6.33 0.65 -2.36
C9 H4B H . -8.58 -0.44 -2.25
O9 H4B H . -8.46 -1.09 -3.52
C10 H4B H . -7.92 -1.32 -1.19
C11 H4B H . -8.69 -2.62 -0.96
O10 H4B H . -7.85 -0.58 0.03
C10 OUM I . -9.94 13.10 -7.04
C22 OUM I . -11.76 9.42 -4.44
C24 OUM I . -13.34 7.77 -5.25
C23 OUM I . -12.44 8.21 -4.29
C25 OUM I . -13.56 8.56 -6.37
C02 OUM I . -8.54 14.64 -8.19
C03 OUM I . -8.99 15.69 -7.41
C04 OUM I . -9.92 15.42 -6.42
C05 OUM I . -10.38 14.12 -6.23
C06 OUM I . -11.30 13.87 -5.25
C07 OUM I . -11.75 12.58 -5.05
C08 OUM I . -11.32 11.53 -5.84
C09 OUM I . -10.40 11.80 -6.86
C11 OUM I . -10.48 16.47 -5.53
C21 OUM I . -11.95 10.19 -5.57
C26 OUM I . -12.87 9.76 -6.53
C27 OUM I . -14.54 8.10 -7.44
C30 OUM I . -13.43 5.29 -5.27
C31 OUM I . -14.46 4.19 -5.22
C32 OUM I . -15.77 4.46 -4.82
C33 OUM I . -16.71 3.43 -4.78
C34 OUM I . -16.34 2.13 -5.13
C35 OUM I . -15.03 1.87 -5.53
C36 OUM I . -14.09 2.89 -5.57
C37 OUM I . -17.21 1.19 -5.08
N01 OUM I . -9.03 13.40 -7.98
N02 OUM I . -7.63 14.81 -9.18
N28 OUM I . -15.46 9.19 -7.79
N38 OUM I . -17.99 0.34 -5.10
O29 OUM I . -14.03 6.58 -5.09
#